data_2DD9
#
_entry.id   2DD9
#
_cell.length_a   108.750
_cell.length_b   113.990
_cell.length_c   133.410
_cell.angle_alpha   90.00
_cell.angle_beta   90.00
_cell.angle_gamma   90.00
#
_symmetry.space_group_name_H-M   'P 21 21 21'
#
loop_
_entity.id
_entity.type
_entity.pdbx_description
1 polymer 'green fluorescent protein'
2 non-polymer '3-CYCLOHEXYL-1-PROPYLSULFONIC ACID'
3 non-polymer 'CHLORIDE ION'
4 water water
#
_entity_poly.entity_id   1
_entity_poly.type   'polypeptide(L)'
_entity_poly.pdbx_seq_one_letter_code
;TTFKIESRIHGNLNGEKFELVGGGVGEEGRLEIEMKTKDKPLAFSPFLLSTCM(CR2)FYHFASFPKGTKNIYLHAATNG
GYTNTRKEIYEDGGILEVNFRYTYEFNKIIGDVECIGHGFPSQSPIFKDTIVKSCPTVDLMLPMSGNIIASSYARAFQLK
DGSFYTAEVKNNIDFKNPIHESFSKSGPMFTHRRVEETHTKENLAMVEYQQVFNSAPRDM
;
_entity_poly.pdbx_strand_id   A,B,C,D
#
# COMPACT_ATOMS: atom_id res chain seq x y z
N THR A 1 -15.66 6.25 -32.12
CA THR A 1 -15.77 5.84 -33.54
C THR A 1 -14.54 5.04 -33.96
N THR A 2 -14.29 5.00 -35.26
CA THR A 2 -13.16 4.27 -35.82
C THR A 2 -11.85 5.06 -35.82
N PHE A 3 -10.73 4.33 -35.83
CA PHE A 3 -9.39 4.89 -35.88
C PHE A 3 -8.54 3.93 -36.71
N LYS A 4 -7.51 4.47 -37.36
CA LYS A 4 -6.61 3.61 -38.12
C LYS A 4 -5.58 3.09 -37.12
N ILE A 5 -5.12 1.87 -37.37
CA ILE A 5 -4.12 1.26 -36.51
C ILE A 5 -2.90 0.95 -37.32
N GLU A 6 -1.74 1.17 -36.71
CA GLU A 6 -0.48 0.87 -37.35
C GLU A 6 0.37 0.25 -36.24
N SER A 7 1.16 -0.77 -36.57
CA SER A 7 1.98 -1.39 -35.55
C SER A 7 3.23 -2.08 -36.06
N ARG A 8 4.22 -2.11 -35.18
CA ARG A 8 5.47 -2.78 -35.45
C ARG A 8 5.79 -3.59 -34.20
N ILE A 9 6.10 -4.87 -34.39
CA ILE A 9 6.45 -5.74 -33.29
C ILE A 9 7.88 -6.21 -33.54
N HIS A 10 8.75 -6.01 -32.57
CA HIS A 10 10.13 -6.43 -32.70
C HIS A 10 10.64 -7.07 -31.43
N GLY A 11 11.60 -7.96 -31.58
CA GLY A 11 12.15 -8.59 -30.40
C GLY A 11 12.82 -9.89 -30.75
N ASN A 12 12.78 -10.82 -29.81
CA ASN A 12 13.39 -12.11 -30.04
C ASN A 12 12.85 -13.15 -29.07
N LEU A 13 12.86 -14.39 -29.55
CA LEU A 13 12.39 -15.49 -28.76
C LEU A 13 13.50 -16.53 -28.73
N ASN A 14 13.94 -16.85 -27.52
CA ASN A 14 15.00 -17.81 -27.30
C ASN A 14 16.26 -17.47 -28.10
N GLY A 15 16.52 -16.18 -28.29
CA GLY A 15 17.72 -15.78 -28.98
C GLY A 15 17.57 -15.39 -30.45
N GLU A 16 16.48 -15.78 -31.10
CA GLU A 16 16.30 -15.44 -32.50
C GLU A 16 15.36 -14.23 -32.67
N LYS A 17 15.88 -13.18 -33.31
CA LYS A 17 15.09 -11.97 -33.54
C LYS A 17 14.02 -12.17 -34.60
N PHE A 18 12.98 -11.35 -34.53
CA PHE A 18 11.90 -11.41 -35.50
C PHE A 18 11.30 -10.01 -35.54
N GLU A 19 10.60 -9.71 -36.62
CA GLU A 19 9.98 -8.42 -36.77
C GLU A 19 8.74 -8.52 -37.63
N LEU A 20 7.68 -7.83 -37.19
CA LEU A 20 6.45 -7.80 -37.94
C LEU A 20 5.96 -6.37 -38.08
N VAL A 21 5.26 -6.09 -39.18
CA VAL A 21 4.71 -4.77 -39.40
C VAL A 21 3.35 -4.94 -40.04
N GLY A 22 2.46 -3.99 -39.80
CA GLY A 22 1.14 -4.05 -40.37
C GLY A 22 0.24 -3.04 -39.72
N GLY A 23 -1.06 -3.28 -39.79
CA GLY A 23 -2.01 -2.36 -39.21
C GLY A 23 -3.43 -2.77 -39.50
N GLY A 24 -4.36 -1.83 -39.33
CA GLY A 24 -5.76 -2.14 -39.57
C GLY A 24 -6.63 -1.02 -39.03
N VAL A 25 -7.79 -1.39 -38.50
CA VAL A 25 -8.72 -0.42 -37.96
C VAL A 25 -9.32 -0.91 -36.65
N GLY A 26 -9.82 0.03 -35.85
CA GLY A 26 -10.43 -0.32 -34.59
C GLY A 26 -11.57 0.63 -34.25
N GLU A 27 -12.58 0.12 -33.56
CA GLU A 27 -13.74 0.90 -33.12
C GLU A 27 -13.97 0.58 -31.65
N GLU A 28 -15.05 1.11 -31.06
CA GLU A 28 -15.34 0.82 -29.66
C GLU A 28 -15.71 -0.65 -29.46
N GLY A 29 -14.78 -1.43 -28.93
CA GLY A 29 -15.09 -2.84 -28.70
C GLY A 29 -14.62 -3.81 -29.76
N ARG A 30 -13.96 -3.33 -30.81
CA ARG A 30 -13.51 -4.24 -31.85
C ARG A 30 -12.38 -3.69 -32.71
N LEU A 31 -11.42 -4.55 -33.03
CA LEU A 31 -10.32 -4.14 -33.89
C LEU A 31 -9.94 -5.29 -34.79
N GLU A 32 -9.35 -4.97 -35.94
CA GLU A 32 -8.89 -6.00 -36.86
C GLU A 32 -7.51 -5.52 -37.29
N ILE A 33 -6.58 -6.44 -37.36
CA ILE A 33 -5.23 -6.08 -37.74
C ILE A 33 -4.53 -7.20 -38.47
N GLU A 34 -3.66 -6.82 -39.39
CA GLU A 34 -2.91 -7.79 -40.16
C GLU A 34 -1.46 -7.37 -40.14
N MET A 35 -0.58 -8.35 -39.98
CA MET A 35 0.83 -8.05 -39.93
C MET A 35 1.61 -9.10 -40.67
N LYS A 36 2.77 -8.72 -41.17
CA LYS A 36 3.58 -9.67 -41.89
C LYS A 36 4.98 -9.64 -41.34
N THR A 37 5.64 -10.78 -41.34
CA THR A 37 7.00 -10.86 -40.84
C THR A 37 7.93 -10.23 -41.88
N LYS A 38 9.08 -9.77 -41.42
CA LYS A 38 10.05 -9.20 -42.32
C LYS A 38 11.21 -10.19 -42.46
N ASP A 39 11.72 -10.30 -43.69
CA ASP A 39 12.87 -11.16 -43.98
C ASP A 39 12.77 -12.68 -43.90
N LYS A 40 11.98 -13.20 -42.96
CA LYS A 40 11.86 -14.65 -42.81
C LYS A 40 10.56 -15.00 -42.09
N PRO A 41 10.14 -16.27 -42.17
CA PRO A 41 8.95 -16.68 -41.40
C PRO A 41 9.27 -16.82 -39.91
N LEU A 42 8.24 -16.78 -39.08
CA LEU A 42 8.46 -16.93 -37.64
C LEU A 42 9.02 -18.32 -37.38
N ALA A 43 9.91 -18.44 -36.40
CA ALA A 43 10.48 -19.74 -36.08
C ALA A 43 9.61 -20.42 -35.01
N PHE A 44 8.47 -19.83 -34.69
CA PHE A 44 7.59 -20.40 -33.68
C PHE A 44 6.13 -20.11 -33.99
N SER A 45 5.22 -20.71 -33.23
CA SER A 45 3.80 -20.52 -33.45
C SER A 45 3.40 -19.05 -33.43
N PRO A 46 2.75 -18.58 -34.50
CA PRO A 46 2.29 -17.19 -34.61
C PRO A 46 1.23 -16.87 -33.55
N PHE A 47 0.60 -17.91 -33.00
CA PHE A 47 -0.41 -17.69 -31.98
C PHE A 47 0.20 -17.06 -30.75
N LEU A 48 1.50 -17.25 -30.56
CA LEU A 48 2.16 -16.67 -29.40
C LEU A 48 2.16 -15.13 -29.52
N LEU A 49 1.97 -14.62 -30.73
CA LEU A 49 2.00 -13.18 -30.94
C LEU A 49 0.64 -12.48 -31.02
N SER A 50 -0.45 -13.22 -30.90
CA SER A 50 -1.75 -12.61 -30.96
C SER A 50 -1.91 -11.47 -29.93
N THR A 51 -1.54 -11.70 -28.68
CA THR A 51 -1.70 -10.64 -27.70
C THR A 51 -0.73 -9.48 -27.91
N CYS A 52 0.30 -9.68 -28.73
CA CYS A 52 1.25 -8.61 -29.03
C CYS A 52 0.68 -7.76 -30.16
N MET A 53 -0.22 -8.34 -30.95
CA MET A 53 -0.82 -7.64 -32.07
C MET A 53 -1.95 -6.70 -31.62
N PHE A 55 -3.96 -3.11 -28.21
CA PHE A 55 -4.53 -1.76 -28.27
C PHE A 55 -5.74 -1.72 -27.37
N TYR A 56 -5.49 -1.45 -26.09
CA TYR A 56 -6.57 -1.41 -25.10
C TYR A 56 -7.60 -0.33 -25.42
N HIS A 57 -7.20 0.65 -26.23
CA HIS A 57 -8.10 1.73 -26.60
C HIS A 57 -9.41 1.26 -27.21
N PHE A 58 -9.42 0.10 -27.86
CA PHE A 58 -10.62 -0.38 -28.53
C PHE A 58 -11.62 -1.26 -27.80
N ALA A 59 -11.78 -1.00 -26.51
CA ALA A 59 -12.73 -1.75 -25.71
C ALA A 59 -13.95 -0.88 -25.52
N SER A 60 -15.09 -1.51 -25.32
CA SER A 60 -16.31 -0.76 -25.05
C SER A 60 -16.28 -0.65 -23.53
N PHE A 61 -16.76 0.48 -23.02
CA PHE A 61 -16.79 0.73 -21.59
C PHE A 61 -18.21 0.82 -21.09
N PRO A 62 -18.44 0.52 -19.80
CA PRO A 62 -19.80 0.63 -19.28
C PRO A 62 -20.28 2.07 -19.22
N LYS A 63 -21.59 2.24 -19.33
CA LYS A 63 -22.21 3.56 -19.27
C LYS A 63 -21.78 4.18 -17.94
N GLY A 64 -21.33 5.43 -17.97
CA GLY A 64 -20.90 6.07 -16.74
C GLY A 64 -19.40 6.08 -16.56
N THR A 65 -18.68 5.29 -17.33
CA THR A 65 -17.22 5.27 -17.21
C THR A 65 -16.63 5.63 -18.55
N LYS A 66 -15.73 6.61 -18.56
CA LYS A 66 -15.10 7.01 -19.80
C LYS A 66 -13.97 6.05 -20.16
N ASN A 67 -13.74 5.86 -21.46
CA ASN A 67 -12.66 4.98 -21.93
C ASN A 67 -11.36 5.66 -21.52
N ILE A 68 -10.71 5.12 -20.48
CA ILE A 68 -9.49 5.71 -19.94
C ILE A 68 -8.29 5.73 -20.88
N TYR A 69 -8.24 4.80 -21.82
CA TYR A 69 -7.10 4.77 -22.72
C TYR A 69 -7.20 5.86 -23.77
N LEU A 70 -8.40 6.08 -24.30
CA LEU A 70 -8.62 7.14 -25.29
C LEU A 70 -8.44 8.50 -24.62
N HIS A 71 -8.89 8.61 -23.36
CA HIS A 71 -8.73 9.86 -22.63
C HIS A 71 -7.24 10.15 -22.43
N ALA A 72 -6.51 9.11 -22.04
CA ALA A 72 -5.08 9.26 -21.80
C ALA A 72 -4.36 9.64 -23.10
N ALA A 73 -4.85 9.13 -24.22
CA ALA A 73 -4.24 9.43 -25.52
C ALA A 73 -4.21 10.95 -25.77
N THR A 74 -5.15 11.67 -25.16
CA THR A 74 -5.22 13.13 -25.32
C THR A 74 -4.56 13.83 -24.12
N ASN A 75 -4.03 13.05 -23.18
CA ASN A 75 -3.41 13.63 -21.98
C ASN A 75 -2.08 13.03 -21.53
N GLY A 76 -1.10 12.94 -22.44
CA GLY A 76 0.18 12.39 -22.04
C GLY A 76 0.40 10.92 -22.37
N GLY A 77 -0.68 10.18 -22.56
CA GLY A 77 -0.55 8.77 -22.90
C GLY A 77 -0.31 7.80 -21.76
N TYR A 78 0.07 6.58 -22.14
CA TYR A 78 0.36 5.52 -21.19
C TYR A 78 1.18 4.44 -21.91
N THR A 79 1.81 3.57 -21.13
CA THR A 79 2.57 2.46 -21.69
C THR A 79 2.06 1.21 -20.95
N ASN A 80 2.25 0.05 -21.53
CA ASN A 80 1.84 -1.19 -20.88
C ASN A 80 3.06 -2.09 -20.91
N THR A 81 3.28 -2.77 -19.79
CA THR A 81 4.39 -3.69 -19.67
C THR A 81 3.74 -4.97 -19.22
N ARG A 82 3.93 -6.01 -20.02
CA ARG A 82 3.33 -7.29 -19.74
C ARG A 82 4.33 -8.41 -19.51
N LYS A 83 3.91 -9.40 -18.74
CA LYS A 83 4.74 -10.56 -18.50
C LYS A 83 3.87 -11.79 -18.49
N GLU A 84 4.17 -12.71 -19.40
CA GLU A 84 3.43 -13.96 -19.50
C GLU A 84 4.34 -15.10 -19.06
N ILE A 85 3.85 -15.88 -18.10
CA ILE A 85 4.59 -17.01 -17.56
C ILE A 85 3.84 -18.29 -17.91
N TYR A 86 4.36 -19.03 -18.87
CA TYR A 86 3.76 -20.28 -19.32
C TYR A 86 4.09 -21.45 -18.40
N GLU A 87 3.20 -22.44 -18.38
CA GLU A 87 3.35 -23.59 -17.50
C GLU A 87 4.59 -24.44 -17.72
N ASP A 88 5.21 -24.33 -18.88
CA ASP A 88 6.43 -25.10 -19.15
C ASP A 88 7.68 -24.27 -18.94
N GLY A 89 7.55 -23.10 -18.30
CA GLY A 89 8.72 -22.29 -18.05
C GLY A 89 8.96 -21.14 -19.03
N GLY A 90 8.29 -21.18 -20.18
CA GLY A 90 8.46 -20.11 -21.14
C GLY A 90 7.99 -18.77 -20.56
N ILE A 91 8.71 -17.71 -20.89
CA ILE A 91 8.36 -16.39 -20.40
C ILE A 91 8.36 -15.38 -21.52
N LEU A 92 7.28 -14.63 -21.65
CA LEU A 92 7.18 -13.61 -22.68
C LEU A 92 7.05 -12.26 -21.98
N GLU A 93 7.96 -11.33 -22.30
CA GLU A 93 7.92 -10.01 -21.72
C GLU A 93 7.69 -9.04 -22.86
N VAL A 94 6.68 -8.21 -22.72
CA VAL A 94 6.30 -7.27 -23.76
C VAL A 94 6.10 -5.85 -23.26
N ASN A 95 6.58 -4.90 -24.05
CA ASN A 95 6.41 -3.49 -23.70
C ASN A 95 5.69 -2.81 -24.85
N PHE A 96 4.60 -2.12 -24.54
CA PHE A 96 3.82 -1.42 -25.53
C PHE A 96 3.93 0.10 -25.36
N ARG A 97 4.32 0.77 -26.45
CA ARG A 97 4.44 2.22 -26.49
C ARG A 97 3.59 2.72 -27.65
N TYR A 98 2.99 3.88 -27.51
CA TYR A 98 2.12 4.41 -28.55
C TYR A 98 2.40 5.84 -28.93
N THR A 99 2.16 6.14 -30.20
CA THR A 99 2.29 7.49 -30.72
C THR A 99 0.95 7.72 -31.41
N TYR A 100 0.41 8.92 -31.27
CA TYR A 100 -0.86 9.23 -31.88
C TYR A 100 -0.74 10.30 -32.95
N GLU A 101 -1.49 10.10 -34.02
CA GLU A 101 -1.54 11.04 -35.13
C GLU A 101 -3.03 11.26 -35.33
N PHE A 102 -3.39 12.13 -36.25
CA PHE A 102 -4.81 12.38 -36.45
C PHE A 102 -5.50 11.08 -36.89
N ASN A 103 -6.51 10.66 -36.13
CA ASN A 103 -7.26 9.44 -36.44
C ASN A 103 -6.42 8.17 -36.58
N LYS A 104 -5.24 8.15 -35.99
CA LYS A 104 -4.40 6.96 -36.09
C LYS A 104 -3.59 6.71 -34.82
N ILE A 105 -3.54 5.44 -34.41
CA ILE A 105 -2.76 5.02 -33.25
C ILE A 105 -1.65 4.13 -33.80
N ILE A 106 -0.41 4.47 -33.46
CA ILE A 106 0.74 3.72 -33.92
C ILE A 106 1.38 2.98 -32.75
N GLY A 107 1.36 1.65 -32.82
CA GLY A 107 1.96 0.87 -31.75
C GLY A 107 3.39 0.47 -32.05
N ASP A 108 4.21 0.48 -31.01
CA ASP A 108 5.62 0.08 -31.07
C ASP A 108 5.71 -1.00 -29.97
N VAL A 109 5.83 -2.26 -30.39
CA VAL A 109 5.87 -3.37 -29.45
C VAL A 109 7.20 -4.10 -29.36
N GLU A 110 7.80 -4.10 -28.16
CA GLU A 110 9.05 -4.80 -27.94
C GLU A 110 8.73 -6.09 -27.19
N CYS A 111 8.97 -7.21 -27.87
CA CYS A 111 8.65 -8.53 -27.34
C CYS A 111 9.85 -9.44 -27.14
N ILE A 112 10.12 -9.81 -25.90
CA ILE A 112 11.24 -10.69 -25.57
C ILE A 112 10.76 -11.98 -24.92
N GLY A 113 11.01 -13.10 -25.58
CA GLY A 113 10.59 -14.38 -25.05
C GLY A 113 11.80 -15.24 -24.74
N HIS A 114 11.78 -15.94 -23.60
CA HIS A 114 12.90 -16.78 -23.22
C HIS A 114 12.48 -17.93 -22.31
N GLY A 115 13.30 -18.98 -22.28
CA GLY A 115 13.04 -20.13 -21.43
C GLY A 115 12.06 -21.14 -22.00
N PHE A 116 11.65 -20.96 -23.25
CA PHE A 116 10.73 -21.89 -23.88
C PHE A 116 11.49 -23.17 -24.25
N PRO A 117 11.08 -24.31 -23.70
CA PRO A 117 11.75 -25.58 -24.00
C PRO A 117 11.48 -26.04 -25.42
N SER A 118 12.37 -26.86 -25.95
CA SER A 118 12.25 -27.39 -27.30
C SER A 118 10.94 -28.14 -27.51
N GLN A 119 10.44 -28.75 -26.45
CA GLN A 119 9.19 -29.50 -26.53
C GLN A 119 7.96 -28.61 -26.43
N SER A 120 8.15 -27.32 -26.19
CA SER A 120 7.00 -26.41 -26.07
C SER A 120 6.07 -26.45 -27.27
N PRO A 121 4.76 -26.34 -27.05
CA PRO A 121 3.78 -26.27 -28.13
C PRO A 121 4.10 -25.17 -29.16
N ILE A 122 4.80 -24.12 -28.74
CA ILE A 122 5.12 -23.06 -29.68
C ILE A 122 6.11 -23.53 -30.74
N PHE A 123 6.80 -24.63 -30.47
CA PHE A 123 7.75 -25.16 -31.47
C PHE A 123 7.15 -26.37 -32.17
N LYS A 124 6.25 -27.08 -31.50
CA LYS A 124 5.62 -28.23 -32.14
C LYS A 124 4.56 -27.68 -33.08
N ASP A 125 4.27 -26.39 -32.92
CA ASP A 125 3.25 -25.73 -33.73
C ASP A 125 1.90 -26.44 -33.55
N THR A 126 1.54 -26.76 -32.31
CA THR A 126 0.28 -27.45 -32.02
C THR A 126 -0.87 -26.59 -31.50
N ILE A 127 -0.60 -25.31 -31.30
CA ILE A 127 -1.64 -24.39 -30.82
C ILE A 127 -2.59 -24.15 -32.00
N VAL A 128 -3.90 -24.25 -31.76
CA VAL A 128 -4.86 -24.00 -32.82
C VAL A 128 -5.69 -22.72 -32.58
N LYS A 129 -5.71 -22.22 -31.35
CA LYS A 129 -6.43 -20.98 -31.06
C LYS A 129 -6.20 -20.47 -29.64
N SER A 130 -6.43 -19.18 -29.45
CA SER A 130 -6.31 -18.54 -28.14
C SER A 130 -7.71 -18.53 -27.54
N CYS A 131 -7.84 -18.90 -26.28
CA CYS A 131 -9.16 -18.88 -25.65
C CYS A 131 -9.39 -17.51 -25.04
N PRO A 132 -10.66 -17.15 -24.77
CA PRO A 132 -11.01 -15.87 -24.19
C PRO A 132 -10.43 -15.68 -22.79
N THR A 133 -10.29 -14.42 -22.38
CA THR A 133 -9.78 -14.11 -21.05
C THR A 133 -10.68 -13.03 -20.40
N VAL A 134 -10.59 -12.93 -19.08
CA VAL A 134 -11.28 -11.90 -18.32
C VAL A 134 -10.24 -11.40 -17.34
N ASP A 135 -9.76 -10.20 -17.60
CA ASP A 135 -8.73 -9.59 -16.81
C ASP A 135 -9.26 -8.74 -15.64
N LEU A 136 -8.56 -8.80 -14.52
CA LEU A 136 -8.92 -7.99 -13.35
C LEU A 136 -7.98 -6.79 -13.33
N MET A 137 -8.55 -5.59 -13.28
CA MET A 137 -7.79 -4.34 -13.29
C MET A 137 -7.96 -3.57 -11.99
N LEU A 138 -6.83 -3.21 -11.38
CA LEU A 138 -6.82 -2.46 -10.14
C LEU A 138 -6.05 -1.16 -10.29
N PRO A 139 -6.73 -0.03 -10.05
CA PRO A 139 -6.03 1.25 -10.09
C PRO A 139 -5.21 1.35 -8.82
N MET A 140 -3.93 1.68 -8.95
CA MET A 140 -3.08 1.80 -7.78
C MET A 140 -2.47 3.18 -7.74
N SER A 141 -1.88 3.53 -6.62
CA SER A 141 -1.27 4.84 -6.45
C SER A 141 -0.20 5.04 -7.51
N GLY A 142 0.05 6.29 -7.88
CA GLY A 142 1.06 6.60 -8.87
C GLY A 142 0.59 6.53 -10.32
N ASN A 143 -0.72 6.64 -10.55
CA ASN A 143 -1.27 6.60 -11.92
C ASN A 143 -0.91 5.29 -12.61
N ILE A 144 -1.21 4.19 -11.93
CA ILE A 144 -0.93 2.87 -12.46
C ILE A 144 -2.14 1.97 -12.35
N ILE A 145 -2.27 1.04 -13.28
CA ILE A 145 -3.31 0.04 -13.20
C ILE A 145 -2.57 -1.28 -13.32
N ALA A 146 -2.74 -2.13 -12.33
CA ALA A 146 -2.10 -3.44 -12.31
C ALA A 146 -3.22 -4.42 -12.69
N SER A 147 -2.95 -5.27 -13.68
CA SER A 147 -3.95 -6.20 -14.12
C SER A 147 -3.38 -7.62 -14.10
N SER A 148 -4.27 -8.60 -14.00
CA SER A 148 -3.84 -9.98 -13.91
C SER A 148 -4.93 -10.92 -14.38
N TYR A 149 -4.51 -12.02 -15.01
CA TYR A 149 -5.44 -13.03 -15.50
C TYR A 149 -4.68 -14.23 -16.03
N ALA A 150 -5.36 -15.38 -16.08
CA ALA A 150 -4.79 -16.60 -16.59
C ALA A 150 -5.20 -16.65 -18.06
N ARG A 151 -4.42 -17.34 -18.89
CA ARG A 151 -4.71 -17.44 -20.30
C ARG A 151 -4.43 -18.85 -20.83
N ALA A 152 -5.20 -19.28 -21.82
CA ALA A 152 -5.01 -20.60 -22.38
C ALA A 152 -5.08 -20.63 -23.89
N PHE A 153 -4.24 -21.47 -24.47
CA PHE A 153 -4.24 -21.71 -25.91
C PHE A 153 -4.85 -23.09 -25.97
N GLN A 154 -5.64 -23.36 -27.01
CA GLN A 154 -6.18 -24.70 -27.15
C GLN A 154 -5.25 -25.38 -28.15
N LEU A 155 -4.89 -26.64 -27.87
CA LEU A 155 -4.01 -27.41 -28.75
C LEU A 155 -4.80 -28.35 -29.67
N LYS A 156 -4.10 -28.90 -30.67
CA LYS A 156 -4.72 -29.81 -31.66
C LYS A 156 -5.51 -30.97 -31.10
N ASP A 157 -5.03 -31.53 -30.00
CA ASP A 157 -5.70 -32.66 -29.37
C ASP A 157 -6.76 -32.23 -28.36
N GLY A 158 -7.03 -30.92 -28.27
CA GLY A 158 -8.04 -30.46 -27.34
C GLY A 158 -7.54 -30.05 -25.96
N SER A 159 -6.34 -30.47 -25.60
CA SER A 159 -5.81 -30.08 -24.30
C SER A 159 -5.39 -28.60 -24.37
N PHE A 160 -4.98 -28.02 -23.24
CA PHE A 160 -4.59 -26.63 -23.18
C PHE A 160 -3.13 -26.37 -22.79
N TYR A 161 -2.62 -25.22 -23.23
CA TYR A 161 -1.26 -24.75 -22.91
C TYR A 161 -1.54 -23.39 -22.21
N THR A 162 -1.30 -23.34 -20.91
CA THR A 162 -1.63 -22.16 -20.13
C THR A 162 -0.53 -21.26 -19.62
N ALA A 163 -0.94 -20.05 -19.28
CA ALA A 163 -0.05 -19.02 -18.77
C ALA A 163 -0.74 -18.12 -17.71
N GLU A 164 0.09 -17.50 -16.87
CA GLU A 164 -0.40 -16.54 -15.87
C GLU A 164 0.18 -15.22 -16.41
N VAL A 165 -0.66 -14.20 -16.49
CA VAL A 165 -0.25 -12.93 -17.05
C VAL A 165 -0.47 -11.76 -16.11
N LYS A 166 0.44 -10.80 -16.15
CA LYS A 166 0.31 -9.60 -15.36
C LYS A 166 0.70 -8.45 -16.26
N ASN A 167 0.03 -7.32 -16.08
CA ASN A 167 0.26 -6.09 -16.84
C ASN A 167 0.37 -4.93 -15.88
N ASN A 168 1.23 -3.98 -16.21
CA ASN A 168 1.36 -2.76 -15.42
C ASN A 168 1.19 -1.63 -16.43
N ILE A 169 0.01 -1.04 -16.41
CA ILE A 169 -0.33 0.05 -17.31
C ILE A 169 0.05 1.35 -16.62
N ASP A 170 1.06 2.01 -17.17
CA ASP A 170 1.62 3.24 -16.62
C ASP A 170 1.13 4.50 -17.33
N PHE A 171 0.29 5.29 -16.65
CA PHE A 171 -0.24 6.53 -17.23
C PHE A 171 0.60 7.75 -16.89
N LYS A 172 0.76 8.63 -17.87
CA LYS A 172 1.53 9.85 -17.70
C LYS A 172 0.80 10.79 -16.73
N ASN A 173 -0.53 10.80 -16.81
CA ASN A 173 -1.35 11.65 -15.95
C ASN A 173 -2.49 10.87 -15.32
N PRO A 174 -3.10 11.45 -14.28
CA PRO A 174 -4.20 10.77 -13.58
C PRO A 174 -5.18 10.07 -14.49
N ILE A 175 -5.56 8.87 -14.11
CA ILE A 175 -6.53 8.10 -14.86
C ILE A 175 -7.86 8.83 -14.71
N HIS A 176 -8.63 8.90 -15.79
CA HIS A 176 -9.90 9.61 -15.72
C HIS A 176 -10.69 9.27 -14.46
N GLU A 177 -11.21 10.30 -13.82
CA GLU A 177 -11.95 10.16 -12.57
C GLU A 177 -13.18 9.26 -12.61
N SER A 178 -13.82 9.14 -13.77
CA SER A 178 -14.99 8.28 -13.87
C SER A 178 -14.64 6.82 -13.64
N PHE A 179 -13.35 6.48 -13.73
CA PHE A 179 -12.91 5.10 -13.51
C PHE A 179 -12.75 4.95 -11.99
N SER A 180 -13.78 4.43 -11.34
CA SER A 180 -13.79 4.28 -9.88
C SER A 180 -12.52 3.67 -9.31
N LYS A 181 -12.12 4.15 -8.14
CA LYS A 181 -10.91 3.66 -7.49
C LYS A 181 -11.25 2.85 -6.26
N SER A 182 -12.54 2.60 -6.02
CA SER A 182 -12.97 1.85 -4.85
C SER A 182 -12.99 0.35 -5.10
N GLY A 183 -12.78 -0.04 -6.35
CA GLY A 183 -12.78 -1.44 -6.69
C GLY A 183 -12.22 -1.69 -8.07
N PRO A 184 -12.08 -2.96 -8.43
CA PRO A 184 -11.56 -3.31 -9.75
C PRO A 184 -12.62 -3.38 -10.83
N MET A 185 -12.17 -3.38 -12.08
CA MET A 185 -13.05 -3.54 -13.22
C MET A 185 -12.49 -4.74 -13.94
N PHE A 186 -13.28 -5.29 -14.85
CA PHE A 186 -12.88 -6.47 -15.59
C PHE A 186 -12.96 -6.21 -17.09
N THR A 187 -12.09 -6.86 -17.85
CA THR A 187 -12.12 -6.73 -19.29
C THR A 187 -12.16 -8.11 -19.90
N HIS A 188 -13.22 -8.38 -20.67
CA HIS A 188 -13.38 -9.65 -21.35
C HIS A 188 -12.78 -9.45 -22.73
N ARG A 189 -11.91 -10.38 -23.13
CA ARG A 189 -11.27 -10.29 -24.43
C ARG A 189 -11.32 -11.60 -25.18
N ARG A 190 -11.54 -11.51 -26.48
CA ARG A 190 -11.58 -12.70 -27.30
C ARG A 190 -11.10 -12.33 -28.69
N VAL A 191 -10.41 -13.26 -29.32
CA VAL A 191 -9.88 -13.02 -30.64
C VAL A 191 -10.31 -14.11 -31.62
N GLU A 192 -10.22 -13.79 -32.89
CA GLU A 192 -10.54 -14.71 -33.98
C GLU A 192 -9.28 -14.58 -34.84
N GLU A 193 -8.48 -15.64 -34.86
CA GLU A 193 -7.21 -15.62 -35.56
C GLU A 193 -7.19 -16.46 -36.83
N THR A 194 -6.39 -16.01 -37.79
CA THR A 194 -6.16 -16.70 -39.04
C THR A 194 -4.68 -16.40 -39.32
N HIS A 195 -3.82 -17.31 -38.90
CA HIS A 195 -2.37 -17.10 -39.03
C HIS A 195 -1.58 -18.14 -39.83
N THR A 196 -0.39 -17.71 -40.28
CA THR A 196 0.58 -18.57 -40.95
C THR A 196 1.87 -18.00 -40.35
N LYS A 197 3.00 -18.63 -40.61
CA LYS A 197 4.24 -18.14 -40.04
C LYS A 197 4.78 -16.89 -40.72
N GLU A 198 4.07 -16.42 -41.74
CA GLU A 198 4.49 -15.22 -42.46
C GLU A 198 3.44 -14.12 -42.43
N ASN A 199 2.18 -14.50 -42.31
CA ASN A 199 1.13 -13.49 -42.30
C ASN A 199 0.13 -13.73 -41.17
N LEU A 200 0.06 -12.76 -40.27
CA LEU A 200 -0.85 -12.86 -39.14
C LEU A 200 -2.05 -11.92 -39.32
N ALA A 201 -3.23 -12.43 -39.02
CA ALA A 201 -4.48 -11.68 -39.17
C ALA A 201 -5.37 -11.98 -37.97
N MET A 202 -5.98 -10.95 -37.43
CA MET A 202 -6.81 -11.11 -36.25
C MET A 202 -7.93 -10.07 -36.08
N VAL A 203 -9.02 -10.51 -35.46
CA VAL A 203 -10.14 -9.63 -35.11
C VAL A 203 -10.21 -9.80 -33.59
N GLU A 204 -10.30 -8.70 -32.86
CA GLU A 204 -10.35 -8.77 -31.40
C GLU A 204 -11.52 -7.98 -30.81
N TYR A 205 -12.17 -8.56 -29.81
CA TYR A 205 -13.31 -7.91 -29.14
C TYR A 205 -12.98 -7.72 -27.65
N GLN A 206 -13.08 -6.48 -27.19
CA GLN A 206 -12.80 -6.17 -25.79
C GLN A 206 -13.98 -5.44 -25.15
N GLN A 207 -14.34 -5.87 -23.96
CA GLN A 207 -15.44 -5.25 -23.22
C GLN A 207 -15.11 -5.10 -21.76
N VAL A 208 -15.11 -3.85 -21.31
CA VAL A 208 -14.85 -3.55 -19.91
C VAL A 208 -16.22 -3.53 -19.21
N PHE A 209 -16.31 -4.20 -18.07
CA PHE A 209 -17.55 -4.25 -17.30
C PHE A 209 -17.19 -4.27 -15.81
N ASN A 210 -18.16 -3.96 -14.96
CA ASN A 210 -17.91 -3.98 -13.53
C ASN A 210 -19.08 -4.51 -12.72
N SER A 211 -19.87 -5.40 -13.32
CA SER A 211 -21.00 -6.01 -12.63
C SER A 211 -21.30 -7.36 -13.28
N ALA A 212 -21.93 -8.25 -12.53
CA ALA A 212 -22.26 -9.57 -13.04
C ALA A 212 -23.05 -9.44 -14.34
N PRO A 213 -22.91 -10.41 -15.26
CA PRO A 213 -23.61 -10.40 -16.54
C PRO A 213 -25.13 -10.50 -16.47
N ARG A 214 -25.63 -11.15 -15.42
CA ARG A 214 -27.08 -11.33 -15.25
C ARG A 214 -27.50 -10.80 -13.89
N ASP A 215 -28.82 -10.64 -13.68
CA ASP A 215 -29.29 -10.17 -12.38
C ASP A 215 -29.97 -11.33 -11.65
N THR B 1 -34.81 -23.49 -6.02
CA THR B 1 -33.57 -24.21 -5.63
C THR B 1 -33.01 -23.71 -4.30
N THR B 2 -33.75 -23.90 -3.22
CA THR B 2 -33.30 -23.47 -1.91
C THR B 2 -32.84 -24.66 -1.07
N PHE B 3 -31.54 -24.72 -0.79
CA PHE B 3 -30.98 -25.80 0.01
C PHE B 3 -30.50 -25.26 1.35
N LYS B 4 -30.44 -26.13 2.35
CA LYS B 4 -29.92 -25.72 3.64
C LYS B 4 -28.41 -25.95 3.58
N ILE B 5 -27.67 -25.06 4.24
CA ILE B 5 -26.21 -25.15 4.28
C ILE B 5 -25.69 -25.26 5.70
N GLU B 6 -24.69 -26.09 5.86
CA GLU B 6 -24.00 -26.23 7.14
C GLU B 6 -22.52 -26.31 6.82
N SER B 7 -21.72 -25.76 7.72
CA SER B 7 -20.30 -25.78 7.49
C SER B 7 -19.47 -25.69 8.75
N ARG B 8 -18.26 -26.21 8.65
CA ARG B 8 -17.32 -26.15 9.75
C ARG B 8 -15.97 -25.85 9.12
N ILE B 9 -15.32 -24.80 9.62
CA ILE B 9 -14.02 -24.41 9.14
C ILE B 9 -13.05 -24.65 10.27
N HIS B 10 -11.99 -25.41 9.98
CA HIS B 10 -11.00 -25.70 11.00
C HIS B 10 -9.61 -25.62 10.38
N GLY B 11 -8.66 -25.20 11.20
CA GLY B 11 -7.31 -25.09 10.72
C GLY B 11 -6.47 -24.23 11.62
N ASN B 12 -5.46 -23.59 11.04
CA ASN B 12 -4.59 -22.74 11.82
C ASN B 12 -3.89 -21.74 10.92
N LEU B 13 -3.59 -20.59 11.49
CA LEU B 13 -2.90 -19.55 10.74
C LEU B 13 -1.67 -19.15 11.52
N ASN B 14 -0.51 -19.34 10.91
CA ASN B 14 0.76 -19.02 11.56
C ASN B 14 0.91 -19.76 12.89
N GLY B 15 0.45 -21.00 12.93
CA GLY B 15 0.59 -21.78 14.14
C GLY B 15 -0.56 -21.77 15.13
N GLU B 16 -1.50 -20.85 15.00
CA GLU B 16 -2.61 -20.85 15.95
C GLU B 16 -3.89 -21.42 15.33
N LYS B 17 -4.43 -22.44 15.99
CA LYS B 17 -5.66 -23.07 15.52
C LYS B 17 -6.89 -22.18 15.70
N PHE B 18 -7.90 -22.41 14.86
CA PHE B 18 -9.15 -21.67 14.98
C PHE B 18 -10.23 -22.61 14.45
N GLU B 19 -11.47 -22.33 14.80
CA GLU B 19 -12.56 -23.17 14.38
C GLU B 19 -13.84 -22.37 14.33
N LEU B 20 -14.60 -22.55 13.26
CA LEU B 20 -15.87 -21.89 13.09
C LEU B 20 -16.91 -22.90 12.67
N VAL B 21 -18.15 -22.68 13.11
CA VAL B 21 -19.27 -23.55 12.79
C VAL B 21 -20.45 -22.63 12.47
N GLY B 22 -21.35 -23.10 11.63
CA GLY B 22 -22.50 -22.29 11.27
C GLY B 22 -23.23 -22.86 10.07
N GLY B 23 -24.00 -22.01 9.39
CA GLY B 23 -24.74 -22.46 8.24
C GLY B 23 -25.60 -21.35 7.67
N GLY B 24 -26.52 -21.73 6.80
CA GLY B 24 -27.38 -20.76 6.17
C GLY B 24 -28.18 -21.41 5.05
N VAL B 25 -28.42 -20.66 3.98
CA VAL B 25 -29.19 -21.16 2.85
C VAL B 25 -28.59 -20.70 1.53
N GLY B 26 -28.90 -21.45 0.48
CA GLY B 26 -28.40 -21.11 -0.84
C GLY B 26 -29.41 -21.44 -1.93
N GLU B 27 -29.25 -20.80 -3.07
CA GLU B 27 -30.12 -21.02 -4.21
C GLU B 27 -29.28 -20.72 -5.43
N GLU B 28 -29.83 -21.00 -6.61
CA GLU B 28 -29.14 -20.75 -7.87
C GLU B 28 -28.70 -19.29 -7.89
N GLY B 29 -27.39 -19.05 -7.86
CA GLY B 29 -26.91 -17.67 -7.91
C GLY B 29 -26.73 -16.91 -6.60
N ARG B 30 -27.18 -17.45 -5.47
CA ARG B 30 -27.04 -16.73 -4.20
C ARG B 30 -27.02 -17.61 -2.96
N LEU B 31 -26.14 -17.27 -2.01
CA LEU B 31 -26.10 -18.01 -0.75
C LEU B 31 -25.89 -17.02 0.39
N GLU B 32 -26.32 -17.41 1.57
CA GLU B 32 -26.16 -16.58 2.75
C GLU B 32 -25.71 -17.52 3.84
N ILE B 33 -24.71 -17.10 4.60
CA ILE B 33 -24.20 -17.97 5.64
C ILE B 33 -23.66 -17.22 6.82
N GLU B 34 -23.81 -17.81 8.00
CA GLU B 34 -23.32 -17.19 9.21
C GLU B 34 -22.56 -18.23 10.01
N MET B 35 -21.45 -17.82 10.60
CA MET B 35 -20.66 -18.74 11.39
C MET B 35 -20.10 -18.03 12.60
N LYS B 36 -19.81 -18.79 13.63
CA LYS B 36 -19.23 -18.20 14.81
C LYS B 36 -18.00 -19.00 15.17
N THR B 37 -17.04 -18.32 15.80
CA THR B 37 -15.83 -19.00 16.21
C THR B 37 -16.11 -19.80 17.47
N LYS B 38 -15.33 -20.86 17.66
CA LYS B 38 -15.46 -21.70 18.83
C LYS B 38 -14.35 -21.32 19.82
N ASP B 39 -14.71 -21.25 21.11
CA ASP B 39 -13.75 -20.98 22.18
C ASP B 39 -13.08 -19.62 22.33
N LYS B 40 -12.78 -18.96 21.21
CA LYS B 40 -12.10 -17.66 21.27
C LYS B 40 -12.37 -16.87 19.99
N PRO B 41 -12.11 -15.56 20.02
CA PRO B 41 -12.23 -14.76 18.79
C PRO B 41 -11.05 -15.02 17.85
N LEU B 42 -11.22 -14.67 16.58
CA LEU B 42 -10.13 -14.86 15.63
C LEU B 42 -8.92 -13.98 15.99
N ALA B 43 -7.73 -14.48 15.73
CA ALA B 43 -6.52 -13.72 16.00
C ALA B 43 -6.12 -12.91 14.76
N PHE B 44 -6.98 -12.89 13.75
CA PHE B 44 -6.69 -12.17 12.51
C PHE B 44 -7.97 -11.70 11.85
N SER B 45 -7.85 -10.93 10.77
CA SER B 45 -9.00 -10.39 10.06
C SER B 45 -9.97 -11.48 9.58
N PRO B 46 -11.25 -11.37 9.93
CA PRO B 46 -12.27 -12.33 9.52
C PRO B 46 -12.50 -12.30 8.01
N PHE B 47 -12.11 -11.20 7.36
CA PHE B 47 -12.27 -11.10 5.92
C PHE B 47 -11.39 -12.14 5.22
N LEU B 48 -10.34 -12.60 5.88
CA LEU B 48 -9.48 -13.61 5.27
C LEU B 48 -10.26 -14.92 5.13
N LEU B 49 -11.34 -15.07 5.89
CA LEU B 49 -12.12 -16.30 5.85
C LEU B 49 -13.37 -16.27 4.99
N SER B 50 -13.65 -15.14 4.34
CA SER B 50 -14.83 -15.07 3.49
C SER B 50 -14.88 -16.16 2.42
N THR B 51 -13.77 -16.38 1.71
CA THR B 51 -13.76 -17.39 0.67
C THR B 51 -13.80 -18.82 1.21
N CYS B 52 -13.47 -18.99 2.49
CA CYS B 52 -13.53 -20.31 3.11
C CYS B 52 -14.97 -20.59 3.51
N MET B 53 -15.75 -19.52 3.68
CA MET B 53 -17.15 -19.66 4.08
C MET B 53 -18.08 -20.05 2.92
N PHE B 55 -19.08 -22.70 -1.56
CA PHE B 55 -20.08 -23.63 -2.08
C PHE B 55 -20.36 -23.25 -3.52
N TYR B 56 -19.58 -23.84 -4.42
CA TYR B 56 -19.71 -23.56 -5.84
C TYR B 56 -21.07 -23.98 -6.36
N HIS B 57 -21.73 -24.89 -5.66
CA HIS B 57 -23.04 -25.36 -6.09
C HIS B 57 -24.04 -24.22 -6.33
N PHE B 58 -23.91 -23.13 -5.60
CA PHE B 58 -24.88 -22.04 -5.75
C PHE B 58 -24.67 -20.97 -6.80
N ALA B 59 -24.02 -21.36 -7.89
CA ALA B 59 -23.80 -20.43 -8.96
C ALA B 59 -24.92 -20.64 -9.99
N SER B 60 -25.28 -19.58 -10.71
CA SER B 60 -26.27 -19.70 -11.75
C SER B 60 -25.47 -20.00 -13.01
N PHE B 61 -25.95 -20.92 -13.84
CA PHE B 61 -25.26 -21.31 -15.07
C PHE B 61 -26.00 -20.80 -16.29
N PRO B 62 -25.26 -20.60 -17.41
CA PRO B 62 -25.82 -20.13 -18.68
C PRO B 62 -26.81 -21.17 -19.23
N LYS B 63 -27.81 -20.71 -19.96
CA LYS B 63 -28.78 -21.64 -20.54
C LYS B 63 -28.00 -22.61 -21.44
N GLY B 64 -28.33 -23.89 -21.36
CA GLY B 64 -27.61 -24.85 -22.19
C GLY B 64 -26.49 -25.56 -21.43
N THR B 65 -26.11 -25.05 -20.27
CA THR B 65 -25.06 -25.70 -19.50
C THR B 65 -25.62 -26.10 -18.14
N LYS B 66 -25.44 -27.35 -17.76
CA LYS B 66 -25.93 -27.85 -16.48
C LYS B 66 -25.02 -27.42 -15.32
N ASN B 67 -25.60 -27.18 -14.15
CA ASN B 67 -24.78 -26.83 -13.00
C ASN B 67 -23.98 -28.09 -12.68
N ILE B 68 -22.69 -28.05 -13.02
CA ILE B 68 -21.82 -29.22 -12.82
C ILE B 68 -21.56 -29.62 -11.38
N TYR B 69 -21.69 -28.68 -10.45
CA TYR B 69 -21.45 -29.00 -9.05
C TYR B 69 -22.66 -29.74 -8.49
N LEU B 70 -23.86 -29.26 -8.81
CA LEU B 70 -25.08 -29.94 -8.35
C LEU B 70 -25.17 -31.33 -8.99
N HIS B 71 -24.74 -31.45 -10.25
CA HIS B 71 -24.81 -32.73 -10.91
C HIS B 71 -23.82 -33.70 -10.23
N ALA B 72 -22.64 -33.20 -9.91
CA ALA B 72 -21.61 -34.01 -9.25
C ALA B 72 -22.09 -34.49 -7.87
N ALA B 73 -22.87 -33.64 -7.20
CA ALA B 73 -23.39 -33.99 -5.88
C ALA B 73 -24.27 -35.25 -5.98
N THR B 74 -24.84 -35.46 -7.16
CA THR B 74 -25.71 -36.61 -7.43
C THR B 74 -24.94 -37.85 -7.89
N ASN B 75 -23.71 -37.64 -8.38
CA ASN B 75 -22.91 -38.75 -8.90
C ASN B 75 -21.47 -38.84 -8.38
N GLY B 76 -21.30 -39.07 -7.08
CA GLY B 76 -19.95 -39.21 -6.54
C GLY B 76 -19.32 -37.98 -5.89
N GLY B 77 -19.75 -36.79 -6.28
CA GLY B 77 -19.23 -35.58 -5.68
C GLY B 77 -17.92 -35.04 -6.25
N TYR B 78 -17.35 -34.09 -5.52
CA TYR B 78 -16.09 -33.45 -5.92
C TYR B 78 -15.47 -32.80 -4.70
N THR B 79 -14.18 -32.50 -4.77
CA THR B 79 -13.49 -31.81 -3.69
C THR B 79 -12.83 -30.62 -4.37
N ASN B 80 -12.46 -29.61 -3.59
CA ASN B 80 -11.78 -28.44 -4.14
C ASN B 80 -10.58 -28.13 -3.25
N THR B 81 -9.44 -27.88 -3.89
CA THR B 81 -8.22 -27.57 -3.18
C THR B 81 -7.78 -26.22 -3.72
N ARG B 82 -7.65 -25.27 -2.81
CA ARG B 82 -7.29 -23.92 -3.16
C ARG B 82 -5.97 -23.47 -2.56
N LYS B 83 -5.30 -22.57 -3.27
CA LYS B 83 -4.08 -21.98 -2.77
C LYS B 83 -4.10 -20.50 -3.12
N GLU B 84 -4.01 -19.68 -2.08
CA GLU B 84 -3.98 -18.24 -2.26
C GLU B 84 -2.59 -17.74 -1.86
N ILE B 85 -1.97 -16.98 -2.75
CA ILE B 85 -0.64 -16.44 -2.50
C ILE B 85 -0.75 -14.93 -2.42
N TYR B 86 -0.55 -14.39 -1.22
CA TYR B 86 -0.67 -12.96 -1.01
C TYR B 86 0.61 -12.24 -1.35
N GLU B 87 0.48 -10.97 -1.72
CA GLU B 87 1.63 -10.18 -2.14
C GLU B 87 2.71 -9.98 -1.09
N ASP B 88 2.40 -10.24 0.18
CA ASP B 88 3.39 -10.08 1.23
C ASP B 88 3.96 -11.41 1.71
N GLY B 89 3.74 -12.48 0.96
CA GLY B 89 4.29 -13.77 1.36
C GLY B 89 3.30 -14.70 2.05
N GLY B 90 2.18 -14.14 2.52
CA GLY B 90 1.18 -14.98 3.17
C GLY B 90 0.62 -16.03 2.23
N ILE B 91 0.44 -17.24 2.74
CA ILE B 91 -0.10 -18.32 1.93
C ILE B 91 -1.24 -19.01 2.66
N LEU B 92 -2.38 -19.09 1.99
CA LEU B 92 -3.54 -19.74 2.55
C LEU B 92 -3.84 -20.99 1.70
N GLU B 93 -3.83 -22.16 2.32
CA GLU B 93 -4.14 -23.40 1.62
C GLU B 93 -5.44 -23.93 2.17
N VAL B 94 -6.38 -24.23 1.27
CA VAL B 94 -7.70 -24.69 1.69
C VAL B 94 -8.23 -25.90 0.95
N ASN B 95 -8.82 -26.83 1.71
CA ASN B 95 -9.40 -28.03 1.13
C ASN B 95 -10.87 -28.10 1.52
N PHE B 96 -11.74 -28.24 0.51
CA PHE B 96 -13.17 -28.33 0.70
C PHE B 96 -13.71 -29.73 0.43
N ARG B 97 -14.43 -30.28 1.41
CA ARG B 97 -15.06 -31.60 1.26
C ARG B 97 -16.53 -31.44 1.60
N TYR B 98 -17.39 -32.18 0.91
CA TYR B 98 -18.81 -32.05 1.16
C TYR B 98 -19.52 -33.37 1.37
N THR B 99 -20.59 -33.33 2.15
CA THR B 99 -21.43 -34.49 2.37
C THR B 99 -22.82 -33.95 2.09
N TYR B 100 -23.67 -34.78 1.48
CA TYR B 100 -25.01 -34.36 1.13
C TYR B 100 -26.11 -35.14 1.84
N GLU B 101 -27.14 -34.41 2.22
CA GLU B 101 -28.31 -35.00 2.85
C GLU B 101 -29.45 -34.49 1.99
N PHE B 102 -30.66 -34.92 2.29
CA PHE B 102 -31.78 -34.45 1.51
C PHE B 102 -31.85 -32.93 1.66
N ASN B 103 -31.81 -32.21 0.55
CA ASN B 103 -31.89 -30.76 0.59
C ASN B 103 -30.87 -30.06 1.50
N LYS B 104 -29.69 -30.66 1.69
CA LYS B 104 -28.69 -30.04 2.55
C LYS B 104 -27.26 -30.37 2.10
N ILE B 105 -26.39 -29.35 2.14
CA ILE B 105 -25.00 -29.57 1.80
C ILE B 105 -24.21 -29.21 3.05
N ILE B 106 -23.35 -30.13 3.47
CA ILE B 106 -22.52 -29.94 4.65
C ILE B 106 -21.06 -29.84 4.21
N GLY B 107 -20.48 -28.66 4.40
CA GLY B 107 -19.11 -28.47 4.02
C GLY B 107 -18.18 -28.68 5.19
N ASP B 108 -17.01 -29.27 4.92
CA ASP B 108 -15.98 -29.49 5.90
C ASP B 108 -14.76 -28.84 5.25
N VAL B 109 -14.30 -27.74 5.84
CA VAL B 109 -13.18 -26.97 5.29
C VAL B 109 -11.93 -26.97 6.14
N GLU B 110 -10.82 -27.40 5.54
CA GLU B 110 -9.55 -27.39 6.23
C GLU B 110 -8.76 -26.20 5.69
N CYS B 111 -8.41 -25.27 6.57
CA CYS B 111 -7.72 -24.05 6.19
C CYS B 111 -6.40 -23.87 6.92
N ILE B 112 -5.30 -23.93 6.17
CA ILE B 112 -3.97 -23.77 6.74
C ILE B 112 -3.32 -22.51 6.16
N GLY B 113 -3.00 -21.56 7.04
CA GLY B 113 -2.36 -20.34 6.60
C GLY B 113 -0.99 -20.20 7.22
N HIS B 114 -0.03 -19.72 6.43
CA HIS B 114 1.33 -19.54 6.93
C HIS B 114 2.11 -18.49 6.15
N GLY B 115 3.19 -18.02 6.75
CA GLY B 115 4.06 -17.03 6.11
C GLY B 115 3.54 -15.61 6.15
N PHE B 116 2.43 -15.36 6.85
CA PHE B 116 1.91 -14.00 6.95
C PHE B 116 2.79 -13.20 7.91
N PRO B 117 3.40 -12.11 7.44
CA PRO B 117 4.24 -11.30 8.34
C PRO B 117 3.38 -10.52 9.36
N SER B 118 4.02 -10.09 10.44
CA SER B 118 3.34 -9.32 11.49
C SER B 118 2.69 -8.05 10.96
N GLN B 119 3.31 -7.44 9.96
CA GLN B 119 2.82 -6.19 9.39
C GLN B 119 1.69 -6.38 8.41
N SER B 120 1.29 -7.63 8.17
CA SER B 120 0.21 -7.91 7.25
C SER B 120 -1.11 -7.28 7.65
N PRO B 121 -1.89 -6.80 6.66
CA PRO B 121 -3.22 -6.25 6.91
C PRO B 121 -4.13 -7.17 7.73
N ILE B 122 -3.88 -8.49 7.66
CA ILE B 122 -4.73 -9.41 8.42
C ILE B 122 -4.48 -9.33 9.91
N PHE B 123 -3.36 -8.74 10.31
CA PHE B 123 -3.06 -8.58 11.74
C PHE B 123 -3.32 -7.15 12.14
N LYS B 124 -3.18 -6.21 11.20
CA LYS B 124 -3.45 -4.81 11.51
C LYS B 124 -4.95 -4.60 11.49
N ASP B 125 -5.66 -5.57 10.93
CA ASP B 125 -7.12 -5.50 10.84
C ASP B 125 -7.54 -4.29 10.03
N THR B 126 -6.86 -4.06 8.92
CA THR B 126 -7.16 -2.91 8.07
C THR B 126 -8.01 -3.22 6.85
N ILE B 127 -8.37 -4.48 6.66
CA ILE B 127 -9.21 -4.89 5.54
C ILE B 127 -10.66 -4.47 5.84
N VAL B 128 -11.32 -3.83 4.87
CA VAL B 128 -12.71 -3.43 5.06
C VAL B 128 -13.68 -4.21 4.17
N LYS B 129 -13.18 -4.85 3.12
CA LYS B 129 -14.06 -5.63 2.26
C LYS B 129 -13.32 -6.39 1.19
N SER B 130 -13.96 -7.44 0.68
CA SER B 130 -13.43 -8.25 -0.40
C SER B 130 -13.99 -7.69 -1.70
N CYS B 131 -13.14 -7.52 -2.70
CA CYS B 131 -13.60 -7.03 -3.99
C CYS B 131 -14.01 -8.23 -4.84
N PRO B 132 -14.84 -8.00 -5.86
CA PRO B 132 -15.35 -9.06 -6.75
C PRO B 132 -14.24 -9.72 -7.55
N THR B 133 -14.50 -10.94 -8.00
CA THR B 133 -13.53 -11.68 -8.80
C THR B 133 -14.21 -12.30 -10.01
N VAL B 134 -13.39 -12.66 -10.99
CA VAL B 134 -13.85 -13.36 -12.16
C VAL B 134 -12.81 -14.45 -12.38
N ASP B 135 -13.26 -15.66 -12.15
CA ASP B 135 -12.43 -16.84 -12.27
C ASP B 135 -12.43 -17.44 -13.69
N LEU B 136 -11.28 -17.95 -14.12
CA LEU B 136 -11.18 -18.63 -15.40
C LEU B 136 -11.14 -20.12 -15.02
N MET B 137 -12.01 -20.92 -15.64
CA MET B 137 -12.09 -22.36 -15.36
C MET B 137 -11.78 -23.20 -16.59
N LEU B 138 -10.84 -24.12 -16.46
CA LEU B 138 -10.44 -24.99 -17.56
C LEU B 138 -10.65 -26.43 -17.20
N PRO B 139 -11.48 -27.14 -17.96
CA PRO B 139 -11.65 -28.58 -17.75
C PRO B 139 -10.42 -29.28 -18.31
N MET B 140 -9.82 -30.17 -17.53
CA MET B 140 -8.66 -30.89 -17.99
C MET B 140 -8.94 -32.38 -17.94
N SER B 141 -8.04 -33.16 -18.51
CA SER B 141 -8.21 -34.61 -18.50
C SER B 141 -8.15 -35.13 -17.07
N GLY B 142 -8.83 -36.24 -16.82
CA GLY B 142 -8.85 -36.82 -15.48
C GLY B 142 -9.95 -36.30 -14.57
N ASN B 143 -11.02 -35.74 -15.13
CA ASN B 143 -12.16 -35.22 -14.35
C ASN B 143 -11.71 -34.13 -13.40
N ILE B 144 -11.05 -33.13 -13.96
CA ILE B 144 -10.52 -32.02 -13.19
C ILE B 144 -10.86 -30.70 -13.85
N ILE B 145 -10.98 -29.67 -13.02
CA ILE B 145 -11.16 -28.32 -13.51
C ILE B 145 -10.14 -27.50 -12.73
N ALA B 146 -9.28 -26.79 -13.46
CA ALA B 146 -8.26 -25.95 -12.86
C ALA B 146 -8.77 -24.53 -13.06
N SER B 147 -8.80 -23.75 -12.00
CA SER B 147 -9.26 -22.38 -12.13
C SER B 147 -8.21 -21.44 -11.54
N SER B 148 -8.23 -20.21 -12.01
CA SER B 148 -7.28 -19.23 -11.55
C SER B 148 -7.83 -17.82 -11.68
N TYR B 149 -7.43 -16.96 -10.74
CA TYR B 149 -7.83 -15.55 -10.75
C TYR B 149 -7.08 -14.75 -9.71
N ALA B 150 -7.09 -13.44 -9.89
CA ALA B 150 -6.45 -12.53 -8.94
C ALA B 150 -7.57 -12.08 -8.02
N ARG B 151 -7.23 -11.76 -6.78
CA ARG B 151 -8.23 -11.33 -5.81
C ARG B 151 -7.69 -10.14 -5.03
N ALA B 152 -8.57 -9.27 -4.59
CA ALA B 152 -8.15 -8.10 -3.84
C ALA B 152 -9.06 -7.74 -2.68
N PHE B 153 -8.44 -7.29 -1.60
CA PHE B 153 -9.15 -6.81 -0.43
C PHE B 153 -8.94 -5.30 -0.47
N GLN B 154 -9.94 -4.52 -0.10
CA GLN B 154 -9.71 -3.08 -0.06
C GLN B 154 -9.44 -2.76 1.40
N LEU B 155 -8.47 -1.89 1.65
CA LEU B 155 -8.07 -1.50 3.00
C LEU B 155 -8.69 -0.17 3.42
N LYS B 156 -8.56 0.16 4.70
CA LYS B 156 -9.11 1.40 5.24
C LYS B 156 -8.73 2.66 4.47
N ASP B 157 -7.47 2.75 4.04
CA ASP B 157 -7.04 3.94 3.32
C ASP B 157 -7.39 3.92 1.83
N GLY B 158 -8.17 2.92 1.40
CA GLY B 158 -8.54 2.84 0.00
C GLY B 158 -7.61 2.03 -0.89
N SER B 159 -6.43 1.69 -0.42
CA SER B 159 -5.51 0.88 -1.23
C SER B 159 -5.92 -0.61 -1.12
N PHE B 160 -5.27 -1.45 -1.91
CA PHE B 160 -5.59 -2.88 -1.91
C PHE B 160 -4.50 -3.81 -1.40
N TYR B 161 -4.94 -4.99 -0.95
CA TYR B 161 -4.09 -6.06 -0.46
C TYR B 161 -4.46 -7.21 -1.40
N THR B 162 -3.52 -7.60 -2.27
CA THR B 162 -3.80 -8.61 -3.28
C THR B 162 -3.19 -10.00 -3.16
N ALA B 163 -3.82 -10.94 -3.87
CA ALA B 163 -3.38 -12.33 -3.92
C ALA B 163 -3.65 -12.95 -5.29
N GLU B 164 -2.90 -14.00 -5.62
CA GLU B 164 -3.11 -14.75 -6.86
C GLU B 164 -3.68 -16.06 -6.33
N VAL B 165 -4.75 -16.54 -6.94
CA VAL B 165 -5.41 -17.74 -6.46
C VAL B 165 -5.53 -18.82 -7.51
N LYS B 166 -5.37 -20.07 -7.09
CA LYS B 166 -5.50 -21.21 -8.00
C LYS B 166 -6.36 -22.24 -7.27
N ASN B 167 -7.19 -22.94 -8.04
CA ASN B 167 -8.11 -23.96 -7.52
C ASN B 167 -8.05 -25.20 -8.38
N ASN B 168 -8.10 -26.36 -7.76
CA ASN B 168 -8.15 -27.60 -8.49
C ASN B 168 -9.39 -28.33 -7.97
N ILE B 169 -10.39 -28.42 -8.84
CA ILE B 169 -11.64 -29.07 -8.52
C ILE B 169 -11.54 -30.49 -9.05
N ASP B 170 -11.61 -31.44 -8.13
CA ASP B 170 -11.47 -32.85 -8.45
C ASP B 170 -12.82 -33.59 -8.38
N PHE B 171 -13.34 -33.99 -9.53
CA PHE B 171 -14.62 -34.70 -9.59
C PHE B 171 -14.43 -36.21 -9.56
N LYS B 172 -15.27 -36.91 -8.82
CA LYS B 172 -15.15 -38.35 -8.76
C LYS B 172 -15.56 -38.95 -10.10
N ASN B 173 -16.53 -38.32 -10.77
CA ASN B 173 -16.99 -38.80 -12.05
C ASN B 173 -16.93 -37.73 -13.14
N PRO B 174 -17.06 -38.13 -14.41
CA PRO B 174 -16.97 -37.15 -15.50
C PRO B 174 -17.84 -35.93 -15.27
N ILE B 175 -17.30 -34.78 -15.63
CA ILE B 175 -17.99 -33.51 -15.51
C ILE B 175 -19.13 -33.58 -16.53
N HIS B 176 -20.31 -33.07 -16.17
CA HIS B 176 -21.44 -33.13 -17.08
C HIS B 176 -21.04 -32.68 -18.49
N GLU B 177 -21.48 -33.45 -19.47
CA GLU B 177 -21.15 -33.19 -20.86
C GLU B 177 -21.58 -31.83 -21.41
N SER B 178 -22.64 -31.24 -20.85
CA SER B 178 -23.07 -29.93 -21.34
C SER B 178 -22.01 -28.85 -21.10
N PHE B 179 -21.07 -29.11 -20.20
CA PHE B 179 -20.00 -28.16 -19.91
C PHE B 179 -18.97 -28.35 -21.04
N SER B 180 -18.99 -27.48 -22.04
CA SER B 180 -18.08 -27.62 -23.18
C SER B 180 -16.65 -27.74 -22.71
N LYS B 181 -15.87 -28.53 -23.45
CA LYS B 181 -14.47 -28.74 -23.08
C LYS B 181 -13.54 -28.08 -24.10
N SER B 182 -14.12 -27.39 -25.07
CA SER B 182 -13.34 -26.72 -26.12
C SER B 182 -12.76 -25.38 -25.69
N GLY B 183 -13.14 -24.95 -24.49
CA GLY B 183 -12.66 -23.68 -23.99
C GLY B 183 -13.03 -23.47 -22.54
N PRO B 184 -12.61 -22.35 -21.97
CA PRO B 184 -12.92 -22.07 -20.57
C PRO B 184 -14.26 -21.39 -20.36
N MET B 185 -14.69 -21.37 -19.11
CA MET B 185 -15.89 -20.66 -18.72
C MET B 185 -15.44 -19.74 -17.60
N PHE B 186 -16.24 -18.75 -17.27
CA PHE B 186 -15.86 -17.81 -16.23
C PHE B 186 -16.91 -17.76 -15.13
N THR B 187 -16.47 -17.42 -13.92
CA THR B 187 -17.39 -17.29 -12.80
C THR B 187 -17.13 -15.97 -12.10
N HIS B 188 -18.14 -15.11 -12.10
CA HIS B 188 -18.07 -13.82 -11.44
C HIS B 188 -18.63 -14.03 -10.04
N ARG B 189 -17.89 -13.61 -9.02
CA ARG B 189 -18.34 -13.77 -7.65
C ARG B 189 -18.19 -12.46 -6.91
N ARG B 190 -19.16 -12.14 -6.07
CA ARG B 190 -19.09 -10.95 -5.24
C ARG B 190 -19.74 -11.29 -3.91
N VAL B 191 -19.21 -10.70 -2.84
CA VAL B 191 -19.73 -10.98 -1.52
C VAL B 191 -20.10 -9.68 -0.79
N GLU B 192 -21.00 -9.81 0.18
CA GLU B 192 -21.43 -8.69 1.02
C GLU B 192 -21.13 -9.24 2.43
N GLU B 193 -20.16 -8.62 3.09
CA GLU B 193 -19.69 -9.06 4.39
C GLU B 193 -20.05 -8.16 5.59
N THR B 194 -20.32 -8.80 6.72
CA THR B 194 -20.60 -8.13 7.98
C THR B 194 -19.89 -9.01 9.01
N HIS B 195 -18.64 -8.69 9.31
CA HIS B 195 -17.87 -9.53 10.23
C HIS B 195 -17.39 -8.89 11.53
N THR B 196 -17.09 -9.74 12.50
CA THR B 196 -16.49 -9.35 13.77
C THR B 196 -15.53 -10.51 13.95
N LYS B 197 -14.65 -10.43 14.94
CA LYS B 197 -13.72 -11.52 15.16
C LYS B 197 -14.38 -12.73 15.82
N GLU B 198 -15.67 -12.63 16.08
CA GLU B 198 -16.42 -13.72 16.70
C GLU B 198 -17.59 -14.24 15.87
N ASN B 199 -18.19 -13.37 15.06
CA ASN B 199 -19.33 -13.77 14.26
C ASN B 199 -19.17 -13.26 12.83
N LEU B 200 -19.16 -14.19 11.89
CA LEU B 200 -19.03 -13.83 10.48
C LEU B 200 -20.33 -14.06 9.75
N ALA B 201 -20.67 -13.15 8.85
CA ALA B 201 -21.91 -13.27 8.10
C ALA B 201 -21.68 -12.71 6.72
N MET B 202 -22.25 -13.35 5.71
CA MET B 202 -22.10 -12.84 4.37
C MET B 202 -23.10 -13.42 3.40
N VAL B 203 -23.29 -12.67 2.33
CA VAL B 203 -24.16 -13.08 1.24
C VAL B 203 -23.22 -13.16 0.03
N GLU B 204 -23.37 -14.20 -0.77
CA GLU B 204 -22.52 -14.37 -1.94
C GLU B 204 -23.32 -14.62 -3.20
N TYR B 205 -22.92 -13.95 -4.28
CA TYR B 205 -23.57 -14.10 -5.58
C TYR B 205 -22.55 -14.66 -6.57
N GLN B 206 -22.88 -15.78 -7.21
CA GLN B 206 -21.99 -16.39 -8.17
C GLN B 206 -22.70 -16.60 -9.50
N GLN B 207 -22.04 -16.20 -10.58
CA GLN B 207 -22.60 -16.36 -11.91
C GLN B 207 -21.58 -16.87 -12.93
N VAL B 208 -21.87 -18.04 -13.48
CA VAL B 208 -21.00 -18.63 -14.48
C VAL B 208 -21.46 -18.09 -15.82
N PHE B 209 -20.52 -17.78 -16.69
CA PHE B 209 -20.86 -17.26 -18.01
C PHE B 209 -19.73 -17.61 -18.96
N ASN B 210 -20.03 -17.56 -20.26
CA ASN B 210 -19.03 -17.91 -21.27
C ASN B 210 -19.13 -17.08 -22.54
N SER B 211 -19.42 -15.80 -22.39
CA SER B 211 -19.52 -14.89 -23.52
C SER B 211 -19.47 -13.47 -23.00
N ALA B 212 -19.07 -12.53 -23.85
CA ALA B 212 -19.00 -11.13 -23.46
C ALA B 212 -20.34 -10.68 -22.87
N PRO B 213 -20.31 -9.86 -21.81
CA PRO B 213 -21.51 -9.34 -21.16
C PRO B 213 -22.40 -8.48 -22.08
N ARG B 214 -21.82 -7.93 -23.15
CA ARG B 214 -22.58 -7.09 -24.08
C ARG B 214 -22.46 -7.59 -25.51
N ASP B 215 -23.25 -7.00 -26.41
CA ASP B 215 -23.24 -7.37 -27.81
C ASP B 215 -22.05 -6.73 -28.55
N THR C 1 34.11 24.11 6.92
CA THR C 1 35.12 23.01 6.93
C THR C 1 34.68 21.84 6.06
N THR C 2 35.32 21.70 4.90
CA THR C 2 35.03 20.63 3.99
C THR C 2 35.72 19.33 4.39
N PHE C 3 35.14 18.20 3.98
CA PHE C 3 35.67 16.89 4.25
C PHE C 3 35.32 16.01 3.04
N LYS C 4 36.22 15.10 2.68
CA LYS C 4 35.93 14.18 1.59
C LYS C 4 35.08 13.06 2.21
N ILE C 5 34.24 12.47 1.39
CA ILE C 5 33.35 11.40 1.84
C ILE C 5 33.50 10.19 0.95
N GLU C 6 33.58 9.03 1.56
CA GLU C 6 33.64 7.79 0.81
C GLU C 6 32.63 6.87 1.47
N SER C 7 31.93 6.09 0.66
CA SER C 7 30.96 5.20 1.23
C SER C 7 30.70 3.97 0.41
N ARG C 8 30.31 2.92 1.11
CA ARG C 8 29.96 1.68 0.47
C ARG C 8 28.67 1.17 1.13
N ILE C 9 27.67 0.88 0.32
CA ILE C 9 26.42 0.36 0.82
C ILE C 9 26.29 -1.06 0.30
N HIS C 10 26.01 -1.99 1.21
CA HIS C 10 25.86 -3.37 0.83
C HIS C 10 24.78 -4.05 1.66
N GLY C 11 24.14 -5.04 1.05
CA GLY C 11 23.09 -5.78 1.72
C GLY C 11 22.17 -6.42 0.69
N ASN C 12 20.90 -6.54 1.05
CA ASN C 12 19.91 -7.12 0.16
C ASN C 12 18.50 -6.66 0.50
N LEU C 13 17.64 -6.71 -0.50
CA LEU C 13 16.26 -6.33 -0.32
C LEU C 13 15.42 -7.52 -0.74
N ASN C 14 14.60 -8.00 0.17
CA ASN C 14 13.74 -9.16 -0.07
C ASN C 14 14.58 -10.32 -0.57
N GLY C 15 15.80 -10.43 -0.03
CA GLY C 15 16.66 -11.54 -0.41
C GLY C 15 17.61 -11.33 -1.57
N GLU C 16 17.46 -10.25 -2.33
CA GLU C 16 18.36 -10.01 -3.44
C GLU C 16 19.47 -9.01 -3.09
N LYS C 17 20.70 -9.46 -3.19
CA LYS C 17 21.88 -8.65 -2.86
C LYS C 17 22.15 -7.49 -3.80
N PHE C 18 22.68 -6.42 -3.23
CA PHE C 18 23.05 -5.26 -4.01
C PHE C 18 24.22 -4.60 -3.29
N GLU C 19 24.97 -3.79 -4.01
CA GLU C 19 26.12 -3.11 -3.46
C GLU C 19 26.42 -1.82 -4.21
N LEU C 20 26.72 -0.76 -3.46
CA LEU C 20 27.05 0.51 -4.07
C LEU C 20 28.32 1.10 -3.47
N VAL C 21 29.06 1.83 -4.30
CA VAL C 21 30.29 2.48 -3.87
C VAL C 21 30.29 3.86 -4.51
N GLY C 22 30.92 4.82 -3.84
CA GLY C 22 30.97 6.17 -4.36
C GLY C 22 31.49 7.12 -3.30
N GLY C 23 31.15 8.40 -3.43
CA GLY C 23 31.63 9.35 -2.45
C GLY C 23 31.36 10.78 -2.84
N GLY C 24 32.01 11.71 -2.15
CA GLY C 24 31.80 13.11 -2.47
C GLY C 24 32.41 14.04 -1.44
N VAL C 25 31.70 15.11 -1.10
CA VAL C 25 32.22 16.07 -0.15
C VAL C 25 31.12 16.66 0.73
N GLY C 26 31.47 16.96 1.98
CA GLY C 26 30.53 17.54 2.90
C GLY C 26 31.11 18.71 3.65
N GLU C 27 30.25 19.60 4.10
CA GLU C 27 30.65 20.77 4.86
C GLU C 27 29.56 20.96 5.91
N GLU C 28 29.68 22.01 6.71
CA GLU C 28 28.70 22.26 7.73
C GLU C 28 27.34 22.55 7.10
N GLY C 29 26.38 21.64 7.28
CA GLY C 29 25.06 21.86 6.75
C GLY C 29 24.73 21.38 5.35
N ARG C 30 25.70 20.78 4.66
CA ARG C 30 25.44 20.31 3.30
C ARG C 30 26.45 19.26 2.82
N LEU C 31 25.97 18.25 2.10
CA LEU C 31 26.87 17.24 1.54
C LEU C 31 26.35 16.83 0.17
N GLU C 32 27.26 16.37 -0.67
CA GLU C 32 26.88 15.89 -1.99
C GLU C 32 27.61 14.57 -2.17
N ILE C 33 26.91 13.57 -2.68
CA ILE C 33 27.50 12.28 -2.84
C ILE C 33 26.96 11.55 -4.06
N GLU C 34 27.82 10.75 -4.68
CA GLU C 34 27.46 9.98 -5.86
C GLU C 34 27.94 8.56 -5.68
N MET C 35 27.06 7.61 -5.98
CA MET C 35 27.39 6.21 -5.86
C MET C 35 26.82 5.45 -7.05
N LYS C 36 27.48 4.35 -7.39
CA LYS C 36 27.04 3.53 -8.50
C LYS C 36 26.94 2.10 -8.01
N THR C 37 26.03 1.35 -8.61
CA THR C 37 25.85 -0.04 -8.24
C THR C 37 26.98 -0.85 -8.85
N LYS C 38 27.27 -1.98 -8.23
CA LYS C 38 28.28 -2.86 -8.76
C LYS C 38 27.56 -4.03 -9.42
N ASP C 39 28.09 -4.50 -10.54
CA ASP C 39 27.55 -5.63 -11.26
C ASP C 39 26.20 -5.52 -11.96
N LYS C 40 25.16 -5.06 -11.26
CA LYS C 40 23.83 -4.97 -11.87
C LYS C 40 23.06 -3.75 -11.37
N PRO C 41 22.07 -3.29 -12.13
CA PRO C 41 21.22 -2.18 -11.68
C PRO C 41 20.30 -2.62 -10.55
N LEU C 42 19.90 -1.67 -9.70
CA LEU C 42 19.00 -2.02 -8.60
C LEU C 42 17.69 -2.61 -9.12
N ALA C 43 17.11 -3.52 -8.35
CA ALA C 43 15.84 -4.15 -8.73
C ALA C 43 14.67 -3.45 -8.04
N PHE C 44 14.91 -2.26 -7.48
CA PHE C 44 13.88 -1.51 -6.79
C PHE C 44 14.20 -0.02 -6.87
N SER C 45 13.27 0.83 -6.42
CA SER C 45 13.48 2.28 -6.47
C SER C 45 14.78 2.75 -5.81
N PRO C 46 15.62 3.47 -6.57
CA PRO C 46 16.86 4.00 -6.02
C PRO C 46 16.59 4.95 -4.86
N PHE C 47 15.42 5.59 -4.87
CA PHE C 47 15.05 6.53 -3.81
C PHE C 47 15.01 5.89 -2.43
N LEU C 48 14.79 4.59 -2.38
CA LEU C 48 14.76 3.87 -1.10
C LEU C 48 16.14 3.88 -0.43
N LEU C 49 17.18 4.18 -1.19
CA LEU C 49 18.52 4.20 -0.65
C LEU C 49 19.07 5.59 -0.35
N SER C 50 18.30 6.64 -0.63
CA SER C 50 18.78 7.99 -0.38
C SER C 50 19.26 8.19 1.06
N THR C 51 18.52 7.70 2.04
CA THR C 51 18.94 7.88 3.42
C THR C 51 20.10 6.97 3.81
N CYS C 52 20.38 5.97 2.99
CA CYS C 52 21.54 5.11 3.28
C CYS C 52 22.78 5.82 2.74
N MET C 53 22.56 6.67 1.75
CA MET C 53 23.63 7.42 1.12
C MET C 53 24.14 8.58 1.98
N PHE C 55 25.52 10.61 6.87
CA PHE C 55 26.66 11.28 7.51
C PHE C 55 26.13 12.43 8.35
N TYR C 56 25.74 12.15 9.58
CA TYR C 56 25.18 13.18 10.45
C TYR C 56 26.19 14.30 10.72
N HIS C 57 27.48 14.00 10.51
CA HIS C 57 28.52 15.00 10.73
C HIS C 57 28.29 16.30 10.00
N PHE C 58 27.59 16.26 8.86
CA PHE C 58 27.39 17.48 8.09
C PHE C 58 26.17 18.32 8.32
N ALA C 59 25.79 18.44 9.58
CA ALA C 59 24.66 19.26 9.96
C ALA C 59 25.23 20.51 10.56
N SER C 60 24.50 21.61 10.42
CA SER C 60 24.92 22.85 11.03
C SER C 60 24.26 22.78 12.40
N PHE C 61 24.96 23.25 13.41
CA PHE C 61 24.46 23.24 14.77
C PHE C 61 24.22 24.67 15.23
N PRO C 62 23.27 24.86 16.16
CA PRO C 62 23.00 26.20 16.68
C PRO C 62 24.19 26.71 17.49
N LYS C 63 24.36 28.03 17.49
CA LYS C 63 25.44 28.67 18.22
C LYS C 63 25.32 28.26 19.68
N GLY C 64 26.43 27.82 20.27
CA GLY C 64 26.38 27.40 21.66
C GLY C 64 26.28 25.89 21.81
N THR C 65 26.20 25.18 20.70
CA THR C 65 26.13 23.72 20.77
C THR C 65 27.15 23.17 19.79
N LYS C 66 28.05 22.34 20.28
CA LYS C 66 29.08 21.78 19.41
C LYS C 66 28.49 20.65 18.57
N ASN C 67 29.06 20.46 17.38
CA ASN C 67 28.65 19.38 16.48
C ASN C 67 29.10 18.10 17.18
N ILE C 68 28.17 17.39 17.80
CA ILE C 68 28.50 16.18 18.52
C ILE C 68 29.08 15.05 17.68
N TYR C 69 28.76 15.04 16.39
CA TYR C 69 29.26 13.98 15.53
C TYR C 69 30.73 14.20 15.19
N LEU C 70 31.08 15.43 14.83
CA LEU C 70 32.48 15.74 14.50
C LEU C 70 33.30 15.59 15.77
N HIS C 71 32.71 15.95 16.92
CA HIS C 71 33.43 15.82 18.17
C HIS C 71 33.71 14.36 18.47
N ALA C 72 32.69 13.52 18.29
CA ALA C 72 32.86 12.10 18.54
C ALA C 72 33.90 11.47 17.59
N ALA C 73 34.00 12.01 16.39
CA ALA C 73 34.95 11.49 15.40
C ALA C 73 36.36 11.58 15.96
N THR C 74 36.57 12.59 16.79
CA THR C 74 37.87 12.83 17.40
C THR C 74 38.03 12.05 18.71
N ASN C 75 36.92 11.50 19.22
CA ASN C 75 36.99 10.79 20.48
C ASN C 75 36.24 9.45 20.56
N GLY C 76 36.71 8.47 19.80
CA GLY C 76 36.07 7.16 19.87
C GLY C 76 35.02 6.88 18.80
N GLY C 77 34.36 7.93 18.32
CA GLY C 77 33.35 7.74 17.28
C GLY C 77 31.97 7.33 17.78
N TYR C 78 31.12 6.95 16.84
CA TYR C 78 29.75 6.52 17.13
C TYR C 78 29.23 5.66 15.99
N THR C 79 28.19 4.89 16.27
CA THR C 79 27.55 4.07 15.26
C THR C 79 26.10 4.47 15.24
N ASN C 80 25.41 4.21 14.13
CA ASN C 80 23.98 4.52 14.05
C ASN C 80 23.27 3.28 13.53
N THR C 81 22.18 2.93 14.19
CA THR C 81 21.37 1.78 13.80
C THR C 81 19.98 2.31 13.56
N ARG C 82 19.49 2.11 12.35
CA ARG C 82 18.19 2.60 11.96
C ARG C 82 17.21 1.52 11.53
N LYS C 83 15.94 1.76 11.79
CA LYS C 83 14.88 0.85 11.38
C LYS C 83 13.76 1.67 10.80
N GLU C 84 13.43 1.42 9.54
CA GLU C 84 12.34 2.13 8.88
C GLU C 84 11.20 1.15 8.65
N ILE C 85 10.01 1.51 9.09
CA ILE C 85 8.86 0.62 8.90
C ILE C 85 7.87 1.32 7.97
N TYR C 86 7.80 0.83 6.74
CA TYR C 86 6.89 1.41 5.76
C TYR C 86 5.45 0.99 5.99
N GLU C 87 4.53 1.85 5.58
CA GLU C 87 3.10 1.60 5.77
C GLU C 87 2.58 0.34 5.08
N ASP C 88 3.33 -0.17 4.10
CA ASP C 88 2.91 -1.39 3.43
C ASP C 88 3.64 -2.63 3.92
N GLY C 89 4.27 -2.53 5.10
CA GLY C 89 4.96 -3.68 5.66
C GLY C 89 6.45 -3.77 5.39
N GLY C 90 6.92 -3.05 4.37
CA GLY C 90 8.33 -3.06 4.07
C GLY C 90 9.17 -2.61 5.26
N ILE C 91 10.26 -3.32 5.52
CA ILE C 91 11.13 -2.95 6.62
C ILE C 91 12.58 -2.82 6.17
N LEU C 92 13.18 -1.69 6.49
CA LEU C 92 14.56 -1.42 6.13
C LEU C 92 15.39 -1.29 7.41
N GLU C 93 16.41 -2.13 7.55
CA GLU C 93 17.29 -2.12 8.72
C GLU C 93 18.68 -1.73 8.24
N VAL C 94 19.20 -0.65 8.80
CA VAL C 94 20.50 -0.15 8.39
C VAL C 94 21.46 0.09 9.54
N ASN C 95 22.71 -0.28 9.30
CA ASN C 95 23.74 -0.09 10.30
C ASN C 95 24.86 0.73 9.65
N PHE C 96 25.17 1.87 10.27
CA PHE C 96 26.22 2.75 9.76
C PHE C 96 27.45 2.70 10.64
N ARG C 97 28.60 2.41 10.05
CA ARG C 97 29.89 2.38 10.75
C ARG C 97 30.83 3.32 10.01
N TYR C 98 31.65 4.05 10.75
CA TYR C 98 32.56 5.00 10.13
C TYR C 98 34.01 4.79 10.53
N THR C 99 34.90 5.21 9.63
CA THR C 99 36.34 5.18 9.84
C THR C 99 36.82 6.57 9.42
N TYR C 100 37.76 7.12 10.16
CA TYR C 100 38.25 8.45 9.84
C TYR C 100 39.70 8.47 9.39
N GLU C 101 39.98 9.34 8.45
CA GLU C 101 41.32 9.53 7.94
C GLU C 101 41.51 11.04 7.91
N PHE C 102 42.69 11.50 7.56
CA PHE C 102 42.88 12.93 7.53
C PHE C 102 41.94 13.52 6.47
N ASN C 103 41.09 14.44 6.90
CA ASN C 103 40.17 15.09 6.00
C ASN C 103 39.18 14.18 5.25
N LYS C 104 38.96 12.96 5.72
CA LYS C 104 38.04 12.08 5.05
C LYS C 104 37.22 11.18 5.97
N ILE C 105 35.94 11.05 5.65
CA ILE C 105 35.06 10.17 6.43
C ILE C 105 34.66 9.02 5.51
N ILE C 106 34.88 7.81 5.96
CA ILE C 106 34.56 6.64 5.18
C ILE C 106 33.44 5.87 5.85
N GLY C 107 32.31 5.77 5.15
CA GLY C 107 31.16 5.05 5.69
C GLY C 107 31.05 3.62 5.17
N ASP C 108 30.61 2.75 6.07
CA ASP C 108 30.38 1.34 5.79
C ASP C 108 28.90 1.17 6.15
N VAL C 109 28.06 0.97 5.14
CA VAL C 109 26.63 0.84 5.38
C VAL C 109 26.07 -0.53 5.02
N GLU C 110 25.51 -1.20 6.02
CA GLU C 110 24.89 -2.51 5.83
C GLU C 110 23.40 -2.26 5.85
N CYS C 111 22.75 -2.53 4.72
CA CYS C 111 21.35 -2.26 4.57
C CYS C 111 20.55 -3.52 4.22
N ILE C 112 19.62 -3.89 5.09
CA ILE C 112 18.80 -5.07 4.89
C ILE C 112 17.32 -4.71 4.84
N GLY C 113 16.71 -4.93 3.67
CA GLY C 113 15.30 -4.66 3.52
C GLY C 113 14.55 -5.97 3.35
N HIS C 114 13.36 -6.06 3.92
CA HIS C 114 12.58 -7.29 3.80
C HIS C 114 11.12 -6.99 4.05
N GLY C 115 10.25 -7.86 3.56
CA GLY C 115 8.82 -7.67 3.75
C GLY C 115 8.17 -6.68 2.81
N PHE C 116 8.89 -6.17 1.82
CA PHE C 116 8.26 -5.23 0.90
C PHE C 116 7.38 -6.07 -0.03
N PRO C 117 6.06 -5.82 -0.02
CA PRO C 117 5.09 -6.59 -0.84
C PRO C 117 5.36 -6.34 -2.31
N SER C 118 4.96 -7.29 -3.15
CA SER C 118 5.23 -7.17 -4.58
C SER C 118 4.60 -5.96 -5.26
N GLN C 119 3.52 -5.43 -4.72
CA GLN C 119 2.88 -4.28 -5.33
C GLN C 119 3.34 -2.96 -4.70
N SER C 120 4.42 -3.04 -3.91
CA SER C 120 4.97 -1.85 -3.27
C SER C 120 5.42 -0.79 -4.27
N PRO C 121 5.25 0.49 -3.92
CA PRO C 121 5.76 1.54 -4.79
C PRO C 121 7.24 1.34 -5.16
N ILE C 122 8.02 0.71 -4.29
CA ILE C 122 9.45 0.55 -4.63
C ILE C 122 9.69 -0.36 -5.83
N PHE C 123 8.67 -1.11 -6.23
CA PHE C 123 8.80 -1.99 -7.40
C PHE C 123 8.00 -1.44 -8.58
N LYS C 124 7.38 -0.28 -8.43
CA LYS C 124 6.59 0.25 -9.52
C LYS C 124 7.06 1.56 -10.14
N ASP C 125 8.24 2.02 -9.74
CA ASP C 125 8.82 3.27 -10.26
C ASP C 125 7.88 4.47 -10.11
N THR C 126 7.09 4.51 -9.05
CA THR C 126 6.17 5.62 -8.88
C THR C 126 6.67 6.70 -7.92
N ILE C 127 7.80 6.43 -7.28
CA ILE C 127 8.36 7.39 -6.35
C ILE C 127 9.14 8.44 -7.13
N VAL C 128 8.84 9.71 -6.91
CA VAL C 128 9.57 10.77 -7.61
C VAL C 128 10.54 11.56 -6.74
N LYS C 129 10.39 11.52 -5.41
CA LYS C 129 11.30 12.27 -4.53
C LYS C 129 11.07 11.93 -3.06
N SER C 130 12.07 12.24 -2.23
CA SER C 130 11.96 12.06 -0.77
C SER C 130 11.52 13.44 -0.26
N CYS C 131 10.60 13.46 0.69
CA CYS C 131 10.16 14.72 1.27
C CYS C 131 11.03 14.98 2.51
N PRO C 132 11.11 16.24 2.96
CA PRO C 132 11.92 16.63 4.10
C PRO C 132 11.41 16.01 5.41
N THR C 133 12.30 15.92 6.39
CA THR C 133 11.94 15.38 7.69
C THR C 133 12.48 16.29 8.80
N VAL C 134 11.86 16.19 9.96
CA VAL C 134 12.31 16.87 11.15
C VAL C 134 12.36 15.76 12.20
N ASP C 135 13.57 15.46 12.61
CA ASP C 135 13.89 14.41 13.56
C ASP C 135 13.86 14.87 15.03
N LEU C 136 13.28 14.06 15.92
CA LEU C 136 13.27 14.38 17.35
C LEU C 136 14.42 13.56 17.97
N MET C 137 15.38 14.25 18.58
CA MET C 137 16.52 13.60 19.20
C MET C 137 16.47 13.70 20.70
N LEU C 138 16.60 12.55 21.36
CA LEU C 138 16.57 12.50 22.81
C LEU C 138 17.85 11.89 23.36
N PRO C 139 18.58 12.67 24.15
CA PRO C 139 19.78 12.08 24.76
C PRO C 139 19.26 11.12 25.81
N MET C 140 19.51 9.83 25.62
CA MET C 140 19.04 8.84 26.59
C MET C 140 20.05 8.77 27.73
N SER C 141 21.18 8.15 27.52
CA SER C 141 22.20 8.11 28.57
C SER C 141 23.27 9.12 28.15
N GLY C 142 24.46 9.02 28.71
CA GLY C 142 25.52 9.95 28.36
C GLY C 142 26.13 9.66 27.00
N ASN C 143 25.86 8.47 26.46
CA ASN C 143 26.41 8.07 25.16
C ASN C 143 25.37 7.59 24.14
N ILE C 144 24.08 7.71 24.45
CA ILE C 144 23.04 7.24 23.54
C ILE C 144 22.02 8.31 23.15
N ILE C 145 21.72 8.40 21.87
CA ILE C 145 20.70 9.32 21.39
C ILE C 145 19.65 8.50 20.66
N ALA C 146 18.39 8.68 21.03
CA ALA C 146 17.30 7.98 20.37
C ALA C 146 16.60 9.02 19.51
N SER C 147 16.53 8.76 18.21
CA SER C 147 15.89 9.70 17.30
C SER C 147 14.69 9.01 16.68
N SER C 148 13.70 9.80 16.28
CA SER C 148 12.49 9.24 15.71
C SER C 148 11.76 10.25 14.86
N TYR C 149 11.17 9.77 13.77
CA TYR C 149 10.40 10.62 12.88
C TYR C 149 9.69 9.83 11.79
N ALA C 150 8.71 10.46 11.17
CA ALA C 150 8.00 9.85 10.07
C ALA C 150 8.66 10.45 8.83
N ARG C 151 8.73 9.68 7.75
CA ARG C 151 9.35 10.14 6.51
C ARG C 151 8.38 9.79 5.39
N ALA C 152 8.38 10.58 4.33
CA ALA C 152 7.50 10.30 3.22
C ALA C 152 8.15 10.45 1.86
N PHE C 153 7.75 9.59 0.95
CA PHE C 153 8.21 9.64 -0.43
C PHE C 153 6.98 10.19 -1.14
N GLN C 154 7.17 11.06 -2.12
CA GLN C 154 6.03 11.55 -2.87
C GLN C 154 5.97 10.71 -4.15
N LEU C 155 4.76 10.32 -4.55
CA LEU C 155 4.58 9.50 -5.75
C LEU C 155 4.13 10.35 -6.96
N LYS C 156 4.19 9.75 -8.15
CA LYS C 156 3.84 10.42 -9.41
C LYS C 156 2.51 11.14 -9.45
N ASP C 157 1.54 10.68 -8.68
CA ASP C 157 0.22 11.33 -8.66
C ASP C 157 0.11 12.33 -7.49
N GLY C 158 1.23 12.67 -6.87
CA GLY C 158 1.18 13.61 -5.76
C GLY C 158 0.87 12.98 -4.40
N SER C 159 0.51 11.71 -4.38
CA SER C 159 0.22 11.03 -3.12
C SER C 159 1.54 10.64 -2.40
N PHE C 160 1.41 10.16 -1.17
CA PHE C 160 2.58 9.79 -0.38
C PHE C 160 2.69 8.32 0.03
N TYR C 161 3.93 7.84 0.16
CA TYR C 161 4.23 6.49 0.58
C TYR C 161 5.09 6.73 1.83
N THR C 162 4.57 6.35 2.99
CA THR C 162 5.22 6.66 4.25
C THR C 162 5.85 5.58 5.09
N ALA C 163 6.69 6.02 6.02
CA ALA C 163 7.39 5.14 6.96
C ALA C 163 7.56 5.82 8.32
N GLU C 164 7.72 4.99 9.35
CA GLU C 164 7.99 5.47 10.71
C GLU C 164 9.44 5.05 10.93
N VAL C 165 10.27 6.00 11.35
CA VAL C 165 11.69 5.71 11.51
C VAL C 165 12.25 5.90 12.91
N LYS C 166 13.13 5.00 13.31
CA LYS C 166 13.79 5.10 14.60
C LYS C 166 15.29 4.90 14.39
N ASN C 167 16.08 5.68 15.11
CA ASN C 167 17.53 5.61 15.04
C ASN C 167 18.06 5.50 16.46
N ASN C 168 19.11 4.71 16.61
CA ASN C 168 19.77 4.55 17.90
C ASN C 168 21.23 4.92 17.60
N ILE C 169 21.64 6.09 18.06
CA ILE C 169 22.99 6.60 17.85
C ILE C 169 23.82 6.33 19.11
N ASP C 170 24.78 5.42 18.99
CA ASP C 170 25.61 4.99 20.11
C ASP C 170 27.03 5.57 20.06
N PHE C 171 27.37 6.40 21.03
CA PHE C 171 28.70 7.01 21.08
C PHE C 171 29.63 6.22 21.98
N LYS C 172 30.88 6.05 21.57
CA LYS C 172 31.84 5.30 22.37
C LYS C 172 32.11 6.02 23.69
N ASN C 173 32.22 7.34 23.62
CA ASN C 173 32.44 8.14 24.81
C ASN C 173 31.29 9.12 24.97
N PRO C 174 31.17 9.74 26.16
CA PRO C 174 30.07 10.67 26.40
C PRO C 174 29.87 11.75 25.34
N ILE C 175 28.61 12.03 25.05
CA ILE C 175 28.25 13.04 24.06
C ILE C 175 28.70 14.39 24.61
N HIS C 176 29.24 15.24 23.74
CA HIS C 176 29.70 16.55 24.19
C HIS C 176 28.66 17.21 25.07
N GLU C 177 29.10 17.78 26.19
CA GLU C 177 28.19 18.40 27.12
C GLU C 177 27.41 19.60 26.60
N SER C 178 27.94 20.27 25.58
CA SER C 178 27.25 21.43 25.01
C SER C 178 25.87 21.03 24.51
N PHE C 179 25.74 19.75 24.17
CA PHE C 179 24.47 19.21 23.69
C PHE C 179 23.59 19.02 24.92
N SER C 180 22.79 20.03 25.24
CA SER C 180 21.90 19.99 26.42
C SER C 180 21.32 18.61 26.64
N LYS C 181 21.05 18.29 27.90
CA LYS C 181 20.49 16.99 28.21
C LYS C 181 19.15 17.13 28.93
N SER C 182 18.64 18.36 29.00
CA SER C 182 17.38 18.66 29.67
C SER C 182 16.22 18.66 28.70
N GLY C 183 16.49 18.30 27.46
CA GLY C 183 15.44 18.27 26.47
C GLY C 183 15.93 17.86 25.11
N PRO C 184 15.01 17.64 24.18
CA PRO C 184 15.38 17.23 22.82
C PRO C 184 15.89 18.37 21.94
N MET C 185 16.49 17.97 20.83
CA MET C 185 16.97 18.88 19.80
C MET C 185 16.28 18.32 18.56
N PHE C 186 16.20 19.11 17.50
CA PHE C 186 15.58 18.65 16.26
C PHE C 186 16.55 18.77 15.11
N THR C 187 16.40 17.90 14.13
CA THR C 187 17.24 17.97 12.95
C THR C 187 16.33 18.01 11.73
N HIS C 188 16.42 19.10 10.98
CA HIS C 188 15.64 19.23 9.76
C HIS C 188 16.56 18.74 8.63
N ARG C 189 16.04 17.83 7.80
CA ARG C 189 16.82 17.28 6.70
C ARG C 189 16.02 17.33 5.40
N ARG C 190 16.70 17.61 4.30
CA ARG C 190 16.06 17.62 2.99
C ARG C 190 17.10 17.24 1.96
N VAL C 191 16.66 16.57 0.90
CA VAL C 191 17.57 16.15 -0.14
C VAL C 191 17.07 16.54 -1.51
N GLU C 192 18.01 16.59 -2.44
CA GLU C 192 17.76 16.90 -3.85
C GLU C 192 18.40 15.69 -4.51
N GLU C 193 17.57 14.84 -5.10
CA GLU C 193 18.04 13.61 -5.70
C GLU C 193 17.98 13.54 -7.24
N THR C 194 18.99 12.89 -7.81
CA THR C 194 19.07 12.67 -9.26
C THR C 194 19.52 11.20 -9.34
N HIS C 195 18.55 10.30 -9.45
CA HIS C 195 18.86 8.87 -9.48
C HIS C 195 18.42 8.09 -10.73
N THR C 196 19.11 6.97 -10.96
CA THR C 196 18.76 6.02 -12.01
C THR C 196 19.01 4.73 -11.24
N LYS C 197 18.69 3.60 -11.84
CA LYS C 197 18.90 2.34 -11.15
C LYS C 197 20.37 1.91 -11.15
N GLU C 198 21.24 2.74 -11.71
CA GLU C 198 22.66 2.42 -11.72
C GLU C 198 23.55 3.49 -11.11
N ASN C 199 23.10 4.74 -11.15
CA ASN C 199 23.87 5.85 -10.59
C ASN C 199 23.01 6.73 -9.73
N LEU C 200 23.36 6.82 -8.45
CA LEU C 200 22.60 7.64 -7.53
C LEU C 200 23.43 8.88 -7.20
N ALA C 201 22.77 10.04 -7.23
CA ALA C 201 23.43 11.30 -6.92
C ALA C 201 22.51 12.08 -5.99
N MET C 202 23.10 12.76 -5.00
CA MET C 202 22.28 13.49 -4.06
C MET C 202 22.98 14.63 -3.32
N VAL C 203 22.22 15.67 -3.02
CA VAL C 203 22.70 16.79 -2.22
C VAL C 203 21.76 16.79 -1.00
N GLU C 204 22.33 16.88 0.20
CA GLU C 204 21.53 16.87 1.42
C GLU C 204 21.85 18.03 2.35
N TYR C 205 20.81 18.61 2.93
CA TYR C 205 20.99 19.72 3.86
C TYR C 205 20.46 19.30 5.22
N GLN C 206 21.30 19.42 6.24
CA GLN C 206 20.91 19.06 7.60
C GLN C 206 21.10 20.22 8.53
N GLN C 207 20.09 20.47 9.34
CA GLN C 207 20.13 21.57 10.29
C GLN C 207 19.59 21.17 11.64
N VAL C 208 20.43 21.24 12.66
CA VAL C 208 20.01 20.93 14.02
C VAL C 208 19.51 22.24 14.63
N PHE C 209 18.40 22.19 15.37
CA PHE C 209 17.86 23.38 15.99
C PHE C 209 17.11 23.01 17.27
N ASN C 210 16.89 23.97 18.15
CA ASN C 210 16.19 23.68 19.39
C ASN C 210 15.18 24.75 19.77
N SER C 211 14.55 25.35 18.78
CA SER C 211 13.55 26.38 19.02
C SER C 211 12.74 26.66 17.75
N ALA C 212 11.52 27.13 17.93
CA ALA C 212 10.65 27.43 16.79
C ALA C 212 11.34 28.43 15.87
N PRO C 213 11.09 28.33 14.56
CA PRO C 213 11.73 29.20 13.56
C PRO C 213 11.51 30.70 13.76
N ARG C 214 10.30 31.10 14.12
CA ARG C 214 9.98 32.52 14.32
C ARG C 214 9.77 32.88 15.79
N THR D 1 -7.40 38.64 16.15
CA THR D 1 -6.35 37.66 16.53
C THR D 1 -6.46 37.23 18.00
N THR D 2 -7.56 37.57 18.66
CA THR D 2 -7.76 37.18 20.06
C THR D 2 -9.16 36.63 20.28
N PHE D 3 -9.25 35.30 20.38
CA PHE D 3 -10.53 34.63 20.57
C PHE D 3 -10.70 34.10 22.00
N LYS D 4 -11.92 33.73 22.33
CA LYS D 4 -12.20 33.16 23.63
C LYS D 4 -12.20 31.65 23.38
N ILE D 5 -11.68 30.89 24.34
CA ILE D 5 -11.63 29.43 24.22
C ILE D 5 -12.38 28.77 25.37
N GLU D 6 -13.10 27.72 25.04
CA GLU D 6 -13.86 27.00 26.03
C GLU D 6 -13.72 25.52 25.69
N SER D 7 -13.59 24.69 26.71
CA SER D 7 -13.41 23.28 26.46
C SER D 7 -13.86 22.34 27.55
N ARG D 8 -14.19 21.13 27.14
CA ARG D 8 -14.59 20.10 28.08
C ARG D 8 -13.91 18.79 27.67
N ILE D 9 -13.14 18.23 28.59
CA ILE D 9 -12.45 16.97 28.35
C ILE D 9 -13.15 15.91 29.18
N HIS D 10 -13.52 14.81 28.54
CA HIS D 10 -14.19 13.74 29.25
C HIS D 10 -13.79 12.37 28.70
N GLY D 11 -13.84 11.38 29.58
CA GLY D 11 -13.49 10.04 29.19
C GLY D 11 -13.06 9.23 30.41
N ASN D 12 -12.15 8.30 30.19
CA ASN D 12 -11.67 7.46 31.27
C ASN D 12 -10.28 6.93 30.94
N LEU D 13 -9.54 6.58 31.98
CA LEU D 13 -8.22 6.02 31.82
C LEU D 13 -8.17 4.73 32.60
N ASN D 14 -7.91 3.63 31.91
CA ASN D 14 -7.85 2.31 32.53
C ASN D 14 -9.19 2.03 33.23
N GLY D 15 -10.29 2.51 32.63
CA GLY D 15 -11.59 2.26 33.20
C GLY D 15 -12.14 3.30 34.16
N GLU D 16 -11.30 4.15 34.74
CA GLU D 16 -11.80 5.15 35.68
C GLU D 16 -12.14 6.47 34.96
N LYS D 17 -13.40 6.87 35.08
CA LYS D 17 -13.88 8.09 34.44
C LYS D 17 -13.35 9.38 35.04
N PHE D 18 -13.15 10.37 34.18
CA PHE D 18 -12.69 11.68 34.61
C PHE D 18 -13.31 12.72 33.69
N GLU D 19 -13.38 13.95 34.17
CA GLU D 19 -13.95 15.05 33.39
C GLU D 19 -13.35 16.37 33.83
N LEU D 20 -13.04 17.23 32.87
CA LEU D 20 -12.50 18.55 33.14
C LEU D 20 -13.23 19.58 32.29
N VAL D 21 -13.37 20.79 32.84
CA VAL D 21 -14.03 21.88 32.16
C VAL D 21 -13.19 23.13 32.39
N GLY D 22 -13.26 24.07 31.46
CA GLY D 22 -12.48 25.30 31.61
C GLY D 22 -12.39 26.03 30.29
N GLY D 23 -11.40 26.91 30.17
CA GLY D 23 -11.24 27.65 28.94
C GLY D 23 -10.14 28.66 29.08
N GLY D 24 -10.08 29.59 28.13
CA GLY D 24 -9.05 30.61 28.16
C GLY D 24 -9.11 31.46 26.92
N VAL D 25 -7.94 31.89 26.45
CA VAL D 25 -7.85 32.74 25.28
C VAL D 25 -6.83 32.24 24.26
N GLY D 26 -7.02 32.63 23.02
CA GLY D 26 -6.10 32.23 21.98
C GLY D 26 -5.85 33.34 20.98
N GLU D 27 -4.70 33.29 20.35
CA GLU D 27 -4.32 34.27 19.35
C GLU D 27 -3.40 33.55 18.40
N GLU D 28 -3.01 34.21 17.32
CA GLU D 28 -2.12 33.62 16.34
C GLU D 28 -0.81 33.18 17.00
N GLY D 29 -0.56 31.88 17.01
CA GLY D 29 0.67 31.36 17.59
C GLY D 29 0.72 31.14 19.09
N ARG D 30 -0.37 31.39 19.80
CA ARG D 30 -0.38 31.22 21.26
C ARG D 30 -1.75 31.08 21.90
N LEU D 31 -1.86 30.15 22.85
CA LEU D 31 -3.13 29.99 23.56
C LEU D 31 -2.79 29.70 25.01
N GLU D 32 -3.73 30.01 25.88
CA GLU D 32 -3.56 29.74 27.30
C GLU D 32 -4.92 29.28 27.76
N ILE D 33 -4.92 28.18 28.51
CA ILE D 33 -6.14 27.60 28.98
C ILE D 33 -5.96 27.05 30.39
N GLU D 34 -7.05 27.06 31.15
CA GLU D 34 -7.07 26.57 32.51
C GLU D 34 -8.29 25.67 32.63
N MET D 35 -8.11 24.54 33.29
CA MET D 35 -9.22 23.61 33.46
C MET D 35 -9.15 22.97 34.82
N LYS D 36 -10.30 22.57 35.33
CA LYS D 36 -10.38 21.92 36.62
C LYS D 36 -11.11 20.62 36.45
N THR D 37 -10.81 19.66 37.32
CA THR D 37 -11.48 18.38 37.28
C THR D 37 -12.82 18.54 37.98
N LYS D 38 -13.78 17.70 37.62
CA LYS D 38 -15.08 17.75 38.25
C LYS D 38 -15.20 16.53 39.17
N ASP D 39 -15.80 16.75 40.34
CA ASP D 39 -16.03 15.70 41.33
C ASP D 39 -14.84 15.15 42.10
N LYS D 40 -13.72 14.89 41.43
CA LYS D 40 -12.56 14.33 42.11
C LYS D 40 -11.25 14.68 41.43
N PRO D 41 -10.14 14.67 42.16
CA PRO D 41 -8.82 14.92 41.55
C PRO D 41 -8.45 13.80 40.57
N LEU D 42 -7.52 14.08 39.66
CA LEU D 42 -7.10 13.07 38.69
C LEU D 42 -6.37 11.94 39.39
N ALA D 43 -6.63 10.73 38.94
CA ALA D 43 -5.96 9.55 39.51
C ALA D 43 -4.63 9.26 38.78
N PHE D 44 -4.19 10.17 37.91
CA PHE D 44 -2.96 9.95 37.16
C PHE D 44 -2.33 11.31 36.84
N SER D 45 -1.11 11.30 36.27
CA SER D 45 -0.41 12.56 35.96
C SER D 45 -1.20 13.53 35.11
N PRO D 46 -1.38 14.76 35.60
CA PRO D 46 -2.10 15.73 34.77
C PRO D 46 -1.38 16.06 33.47
N PHE D 47 -0.06 15.85 33.42
CA PHE D 47 0.69 16.15 32.21
C PHE D 47 0.25 15.30 31.02
N LEU D 48 -0.38 14.18 31.31
CA LEU D 48 -0.86 13.29 30.26
C LEU D 48 -2.00 13.97 29.51
N LEU D 49 -2.63 14.96 30.14
CA LEU D 49 -3.75 15.64 29.50
C LEU D 49 -3.39 16.97 28.83
N SER D 50 -2.14 17.39 28.91
CA SER D 50 -1.75 18.66 28.29
C SER D 50 -2.17 18.74 26.80
N THR D 51 -1.89 17.71 26.01
CA THR D 51 -2.25 17.74 24.60
C THR D 51 -3.76 17.60 24.37
N CYS D 52 -4.51 17.20 25.39
CA CYS D 52 -5.96 17.11 25.26
C CYS D 52 -6.52 18.51 25.49
N MET D 53 -5.76 19.33 26.21
CA MET D 53 -6.17 20.69 26.53
C MET D 53 -5.97 21.70 25.41
N PHE D 55 -6.21 22.88 20.21
CA PHE D 55 -6.81 23.85 19.31
C PHE D 55 -5.80 24.26 18.23
N TYR D 56 -5.74 23.49 17.15
CA TYR D 56 -4.79 23.79 16.06
C TYR D 56 -5.00 25.16 15.44
N HIS D 57 -6.16 25.75 15.69
CA HIS D 57 -6.47 27.06 15.14
C HIS D 57 -5.44 28.12 15.50
N PHE D 58 -4.81 27.97 16.66
CA PHE D 58 -3.88 28.98 17.12
C PHE D 58 -2.42 28.89 16.76
N ALA D 59 -2.15 28.36 15.58
CA ALA D 59 -0.77 28.27 15.12
C ALA D 59 -0.54 29.42 14.15
N SER D 60 0.67 29.95 14.10
CA SER D 60 0.95 31.01 13.15
C SER D 60 1.40 30.25 11.90
N PHE D 61 0.95 30.71 10.74
CA PHE D 61 1.29 30.08 9.47
C PHE D 61 2.29 30.92 8.71
N PRO D 62 3.13 30.28 7.88
CA PRO D 62 4.09 31.05 7.09
C PRO D 62 3.41 31.93 6.04
N LYS D 63 4.09 33.02 5.69
CA LYS D 63 3.58 33.95 4.68
C LYS D 63 3.28 33.16 3.41
N GLY D 64 2.09 33.36 2.86
CA GLY D 64 1.74 32.63 1.65
C GLY D 64 0.87 31.41 1.89
N THR D 65 0.74 30.98 3.14
CA THR D 65 -0.09 29.84 3.46
C THR D 65 -1.19 30.29 4.42
N LYS D 66 -2.44 30.08 4.06
CA LYS D 66 -3.54 30.48 4.92
C LYS D 66 -3.74 29.50 6.08
N ASN D 67 -4.19 30.01 7.22
CA ASN D 67 -4.44 29.16 8.37
C ASN D 67 -5.61 28.25 7.99
N ILE D 68 -5.29 27.00 7.66
CA ILE D 68 -6.31 26.06 7.25
C ILE D 68 -7.36 25.73 8.30
N TYR D 69 -6.99 25.86 9.57
CA TYR D 69 -7.94 25.55 10.62
C TYR D 69 -8.97 26.67 10.78
N LEU D 70 -8.50 27.92 10.73
CA LEU D 70 -9.41 29.06 10.82
C LEU D 70 -10.33 29.08 9.61
N HIS D 71 -9.76 28.77 8.45
CA HIS D 71 -10.55 28.76 7.23
C HIS D 71 -11.62 27.67 7.30
N ALA D 72 -11.27 26.54 7.90
CA ALA D 72 -12.20 25.44 8.02
C ALA D 72 -13.36 25.81 8.95
N ALA D 73 -13.03 26.62 9.96
CA ALA D 73 -14.02 27.04 10.95
C ALA D 73 -15.17 27.75 10.24
N THR D 74 -14.81 28.54 9.23
CA THR D 74 -15.77 29.30 8.45
C THR D 74 -16.51 28.47 7.41
N ASN D 75 -16.05 27.24 7.17
CA ASN D 75 -16.66 26.41 6.14
C ASN D 75 -16.81 24.92 6.43
N GLY D 76 -17.72 24.55 7.31
CA GLY D 76 -17.91 23.14 7.61
C GLY D 76 -17.09 22.60 8.76
N GLY D 77 -15.94 23.22 9.04
CA GLY D 77 -15.11 22.77 10.14
C GLY D 77 -14.30 21.49 9.88
N TYR D 78 -13.79 20.92 10.96
CA TYR D 78 -13.00 19.69 10.87
C TYR D 78 -13.00 19.00 12.22
N THR D 79 -12.54 17.76 12.24
CA THR D 79 -12.42 16.99 13.48
C THR D 79 -11.00 16.43 13.48
N ASN D 80 -10.48 16.14 14.67
CA ASN D 80 -9.16 15.55 14.78
C ASN D 80 -9.28 14.29 15.65
N THR D 81 -8.64 13.22 15.20
CA THR D 81 -8.63 11.96 15.92
C THR D 81 -7.17 11.61 16.12
N ARG D 82 -6.80 11.39 17.37
CA ARG D 82 -5.42 11.11 17.72
C ARG D 82 -5.22 9.79 18.44
N LYS D 83 -4.04 9.19 18.21
CA LYS D 83 -3.69 7.97 18.91
C LYS D 83 -2.23 8.07 19.35
N GLU D 84 -2.03 8.03 20.66
CA GLU D 84 -0.71 8.09 21.25
C GLU D 84 -0.39 6.70 21.83
N ILE D 85 0.75 6.17 21.44
CA ILE D 85 1.17 4.86 21.92
C ILE D 85 2.44 5.05 22.74
N TYR D 86 2.31 4.90 24.06
CA TYR D 86 3.47 5.07 24.95
C TYR D 86 4.37 3.85 24.95
N GLU D 87 5.65 4.10 25.19
CA GLU D 87 6.64 3.04 25.17
C GLU D 87 6.38 1.93 26.16
N ASP D 88 5.54 2.18 27.16
CA ASP D 88 5.25 1.14 28.14
C ASP D 88 3.89 0.47 27.92
N GLY D 89 3.32 0.66 26.73
CA GLY D 89 2.04 0.02 26.46
C GLY D 89 0.83 0.92 26.59
N GLY D 90 0.96 2.00 27.36
CA GLY D 90 -0.17 2.92 27.50
C GLY D 90 -0.65 3.42 26.14
N ILE D 91 -1.96 3.49 25.99
CA ILE D 91 -2.53 4.00 24.74
C ILE D 91 -3.59 5.05 25.03
N LEU D 92 -3.41 6.23 24.44
CA LEU D 92 -4.35 7.32 24.62
C LEU D 92 -5.05 7.58 23.27
N GLU D 93 -6.38 7.50 23.26
CA GLU D 93 -7.15 7.76 22.04
C GLU D 93 -7.99 9.00 22.31
N VAL D 94 -7.96 9.93 21.37
CA VAL D 94 -8.67 11.18 21.56
C VAL D 94 -9.37 11.71 20.32
N ASN D 95 -10.59 12.18 20.53
CA ASN D 95 -11.36 12.76 19.45
C ASN D 95 -11.66 14.21 19.83
N PHE D 96 -11.39 15.12 18.90
CA PHE D 96 -11.64 16.54 19.11
C PHE D 96 -12.73 17.03 18.17
N ARG D 97 -13.76 17.63 18.75
CA ARG D 97 -14.88 18.19 17.99
C ARG D 97 -15.05 19.64 18.43
N TYR D 98 -15.34 20.52 17.48
CA TYR D 98 -15.49 21.93 17.83
C TYR D 98 -16.79 22.55 17.36
N THR D 99 -17.20 23.60 18.07
CA THR D 99 -18.38 24.38 17.70
C THR D 99 -17.91 25.83 17.74
N TYR D 100 -18.36 26.63 16.79
CA TYR D 100 -17.93 28.01 16.72
C TYR D 100 -19.01 29.03 16.99
N GLU D 101 -18.60 30.11 17.63
CA GLU D 101 -19.50 31.22 17.93
C GLU D 101 -18.70 32.42 17.51
N PHE D 102 -19.28 33.60 17.61
CA PHE D 102 -18.54 34.80 17.26
C PHE D 102 -17.41 34.92 18.28
N ASN D 103 -16.19 35.02 17.81
CA ASN D 103 -15.05 35.18 18.70
C ASN D 103 -14.85 34.08 19.75
N LYS D 104 -15.39 32.89 19.51
CA LYS D 104 -15.20 31.81 20.46
C LYS D 104 -15.18 30.42 19.84
N ILE D 105 -14.31 29.57 20.37
CA ILE D 105 -14.23 28.20 19.91
C ILE D 105 -14.51 27.31 21.12
N ILE D 106 -15.45 26.39 20.95
CA ILE D 106 -15.80 25.48 22.03
C ILE D 106 -15.40 24.07 21.63
N GLY D 107 -14.52 23.49 22.43
CA GLY D 107 -14.07 22.14 22.15
C GLY D 107 -14.72 21.09 23.00
N ASP D 108 -14.96 19.94 22.39
CA ASP D 108 -15.53 18.77 23.05
C ASP D 108 -14.48 17.68 22.82
N VAL D 109 -13.80 17.30 23.90
CA VAL D 109 -12.74 16.31 23.80
C VAL D 109 -13.05 15.00 24.50
N GLU D 110 -13.08 13.92 23.73
CA GLU D 110 -13.32 12.60 24.28
C GLU D 110 -11.95 11.91 24.35
N CYS D 111 -11.52 11.59 25.56
CA CYS D 111 -10.22 10.98 25.78
C CYS D 111 -10.30 9.63 26.47
N ILE D 112 -9.88 8.57 25.77
CA ILE D 112 -9.90 7.22 26.31
C ILE D 112 -8.49 6.65 26.39
N GLY D 113 -8.05 6.35 27.61
CA GLY D 113 -6.74 5.78 27.81
C GLY D 113 -6.89 4.37 28.35
N HIS D 114 -6.02 3.46 27.90
CA HIS D 114 -6.06 2.09 28.36
C HIS D 114 -4.71 1.44 28.16
N GLY D 115 -4.44 0.36 28.89
CA GLY D 115 -3.18 -0.34 28.75
C GLY D 115 -2.03 0.28 29.54
N PHE D 116 -2.27 1.35 30.29
CA PHE D 116 -1.18 1.93 31.06
C PHE D 116 -0.87 1.00 32.24
N PRO D 117 0.35 0.43 32.27
CA PRO D 117 0.72 -0.51 33.34
C PRO D 117 0.75 0.18 34.69
N SER D 118 0.59 -0.57 35.78
CA SER D 118 0.54 0.03 37.11
C SER D 118 1.81 0.74 37.54
N GLN D 119 2.95 0.39 36.95
CA GLN D 119 4.20 1.03 37.33
C GLN D 119 4.56 2.15 36.36
N SER D 120 3.60 2.55 35.53
CA SER D 120 3.83 3.62 34.58
C SER D 120 4.13 4.96 35.25
N PRO D 121 4.98 5.78 34.63
CA PRO D 121 5.23 7.10 35.19
C PRO D 121 3.95 7.91 35.48
N ILE D 122 2.90 7.69 34.70
CA ILE D 122 1.67 8.46 34.93
C ILE D 122 1.05 8.18 36.30
N PHE D 123 1.49 7.12 36.97
CA PHE D 123 0.98 6.80 38.30
C PHE D 123 2.02 7.06 39.38
N LYS D 124 3.23 7.48 38.99
CA LYS D 124 4.29 7.72 39.96
C LYS D 124 4.61 9.17 40.23
N ASP D 125 3.94 10.10 39.55
CA ASP D 125 4.17 11.53 39.71
C ASP D 125 5.60 11.88 39.36
N THR D 126 6.17 11.18 38.39
CA THR D 126 7.56 11.47 38.01
C THR D 126 7.73 12.41 36.81
N ILE D 127 6.63 12.67 36.09
CA ILE D 127 6.70 13.56 34.95
C ILE D 127 6.79 15.01 35.40
N VAL D 128 7.78 15.75 34.90
CA VAL D 128 7.93 17.14 35.28
C VAL D 128 7.45 18.09 34.19
N LYS D 129 7.47 17.63 32.94
CA LYS D 129 7.01 18.48 31.85
C LYS D 129 6.96 17.80 30.49
N SER D 130 6.24 18.43 29.56
CA SER D 130 6.14 17.92 28.19
C SER D 130 7.22 18.61 27.38
N CYS D 131 7.94 17.84 26.57
CA CYS D 131 8.98 18.40 25.72
C CYS D 131 8.34 18.81 24.40
N PRO D 132 8.95 19.76 23.69
CA PRO D 132 8.49 20.26 22.39
C PRO D 132 8.45 19.17 21.36
N THR D 133 7.59 19.35 20.37
CA THR D 133 7.45 18.38 19.29
C THR D 133 7.44 19.11 17.96
N VAL D 134 7.74 18.36 16.90
CA VAL D 134 7.67 18.89 15.54
C VAL D 134 6.94 17.81 14.75
N ASP D 135 5.74 18.18 14.37
CA ASP D 135 4.81 17.33 13.66
C ASP D 135 5.02 17.33 12.14
N LEU D 136 4.91 16.16 11.51
CA LEU D 136 5.02 16.06 10.05
C LEU D 136 3.57 15.98 9.54
N MET D 137 3.18 16.95 8.72
CA MET D 137 1.82 16.99 8.17
C MET D 137 1.79 16.68 6.68
N LEU D 138 0.98 15.70 6.30
CA LEU D 138 0.85 15.27 4.93
C LEU D 138 -0.57 15.40 4.47
N PRO D 139 -0.81 16.20 3.43
CA PRO D 139 -2.15 16.27 2.86
C PRO D 139 -2.37 14.96 2.09
N MET D 140 -3.22 14.10 2.63
CA MET D 140 -3.49 12.80 2.02
C MET D 140 -4.42 12.95 0.83
N SER D 141 -5.66 13.33 1.10
CA SER D 141 -6.61 13.55 0.02
C SER D 141 -6.88 15.04 0.08
N GLY D 142 -7.91 15.50 -0.61
CA GLY D 142 -8.21 16.92 -0.59
C GLY D 142 -8.80 17.40 0.72
N ASN D 143 -9.30 16.48 1.55
CA ASN D 143 -9.92 16.83 2.81
C ASN D 143 -9.32 16.13 4.04
N ILE D 144 -8.20 15.44 3.86
CA ILE D 144 -7.58 14.73 4.98
C ILE D 144 -6.10 15.06 5.18
N ILE D 145 -5.69 15.32 6.42
CA ILE D 145 -4.29 15.55 6.73
C ILE D 145 -3.86 14.50 7.75
N ALA D 146 -2.77 13.80 7.45
CA ALA D 146 -2.24 12.80 8.35
C ALA D 146 -0.99 13.43 8.94
N SER D 147 -0.93 13.47 10.27
CA SER D 147 0.24 14.05 10.94
C SER D 147 0.83 13.00 11.86
N SER D 148 2.13 13.09 12.08
CA SER D 148 2.80 12.10 12.92
C SER D 148 4.06 12.67 13.56
N TYR D 149 4.35 12.20 14.78
CA TYR D 149 5.54 12.65 15.50
C TYR D 149 5.76 11.87 16.79
N ALA D 150 6.99 11.88 17.27
CA ALA D 150 7.29 11.25 18.53
C ALA D 150 7.12 12.38 19.55
N ARG D 151 6.85 12.03 20.78
CA ARG D 151 6.62 12.99 21.83
C ARG D 151 7.26 12.46 23.11
N ALA D 152 7.85 13.32 23.91
CA ALA D 152 8.48 12.89 25.14
C ALA D 152 8.12 13.72 26.35
N PHE D 153 8.03 13.04 27.49
CA PHE D 153 7.80 13.70 28.78
C PHE D 153 9.15 13.59 29.47
N GLN D 154 9.57 14.63 30.16
CA GLN D 154 10.83 14.52 30.88
C GLN D 154 10.46 14.13 32.32
N LEU D 155 11.22 13.20 32.90
CA LEU D 155 10.97 12.76 34.27
C LEU D 155 11.89 13.46 35.27
N LYS D 156 11.57 13.34 36.56
CA LYS D 156 12.34 13.97 37.63
C LYS D 156 13.85 13.77 37.63
N ASP D 157 14.32 12.66 37.07
CA ASP D 157 15.75 12.38 37.01
C ASP D 157 16.36 12.78 35.65
N GLY D 158 15.60 13.48 34.81
CA GLY D 158 16.13 13.87 33.52
C GLY D 158 15.88 12.88 32.39
N SER D 159 15.46 11.66 32.72
CA SER D 159 15.18 10.66 31.69
C SER D 159 13.86 10.99 30.98
N PHE D 160 13.56 10.27 29.91
CA PHE D 160 12.32 10.52 29.16
C PHE D 160 11.35 9.35 29.08
N TYR D 161 10.07 9.68 29.00
CA TYR D 161 8.98 8.70 28.88
C TYR D 161 8.37 9.12 27.53
N THR D 162 8.50 8.25 26.53
CA THR D 162 8.07 8.58 25.19
C THR D 162 6.84 7.88 24.61
N ALA D 163 6.32 8.50 23.55
CA ALA D 163 5.18 7.98 22.80
C ALA D 163 5.35 8.29 21.31
N GLU D 164 4.63 7.54 20.49
CA GLU D 164 4.61 7.74 19.03
C GLU D 164 3.17 8.20 18.84
N VAL D 165 3.00 9.31 18.12
CA VAL D 165 1.66 9.88 17.95
C VAL D 165 1.23 10.02 16.51
N LYS D 166 -0.04 9.72 16.24
CA LYS D 166 -0.58 9.88 14.90
C LYS D 166 -1.88 10.67 15.02
N ASN D 167 -2.15 11.52 14.04
CA ASN D 167 -3.36 12.34 14.03
C ASN D 167 -3.97 12.24 12.65
N ASN D 168 -5.30 12.23 12.60
CA ASN D 168 -6.01 12.21 11.34
C ASN D 168 -6.98 13.39 11.39
N ILE D 169 -6.63 14.45 10.65
CA ILE D 169 -7.45 15.67 10.60
C ILE D 169 -8.39 15.58 9.40
N ASP D 170 -9.67 15.44 9.70
CA ASP D 170 -10.70 15.28 8.68
C ASP D 170 -11.49 16.57 8.47
N PHE D 171 -11.33 17.18 7.28
CA PHE D 171 -12.02 18.42 6.94
C PHE D 171 -13.31 18.16 6.19
N LYS D 172 -14.36 18.90 6.54
CA LYS D 172 -15.65 18.74 5.88
C LYS D 172 -15.55 19.16 4.42
N ASN D 173 -14.84 20.27 4.18
CA ASN D 173 -14.67 20.78 2.83
C ASN D 173 -13.18 20.79 2.51
N PRO D 174 -12.82 20.92 1.23
CA PRO D 174 -11.42 20.91 0.81
C PRO D 174 -10.53 21.84 1.63
N ILE D 175 -9.35 21.35 1.95
CA ILE D 175 -8.36 22.11 2.70
C ILE D 175 -7.98 23.28 1.82
N HIS D 176 -7.83 24.46 2.40
CA HIS D 176 -7.48 25.62 1.60
C HIS D 176 -6.29 25.28 0.67
N GLU D 177 -6.41 25.69 -0.58
CA GLU D 177 -5.40 25.40 -1.60
C GLU D 177 -4.01 25.96 -1.38
N SER D 178 -3.91 27.07 -0.63
CA SER D 178 -2.61 27.66 -0.36
C SER D 178 -1.74 26.69 0.45
N PHE D 179 -2.40 25.75 1.11
CA PHE D 179 -1.68 24.77 1.90
C PHE D 179 -1.06 23.79 0.92
N SER D 180 0.16 24.12 0.47
CA SER D 180 0.91 23.29 -0.49
C SER D 180 0.50 21.83 -0.42
N LYS D 181 0.28 21.23 -1.58
CA LYS D 181 -0.11 19.83 -1.65
C LYS D 181 1.02 18.99 -2.22
N SER D 182 2.05 19.66 -2.72
CA SER D 182 3.21 19.00 -3.32
C SER D 182 4.19 18.47 -2.29
N GLY D 183 3.92 18.75 -1.02
CA GLY D 183 4.82 18.29 0.00
C GLY D 183 4.28 18.51 1.39
N PRO D 184 5.02 18.09 2.40
CA PRO D 184 4.64 18.25 3.80
C PRO D 184 4.97 19.61 4.41
N MET D 185 4.35 19.87 5.55
CA MET D 185 4.59 21.07 6.31
C MET D 185 4.84 20.56 7.73
N PHE D 186 5.47 21.37 8.57
CA PHE D 186 5.74 20.98 9.93
C PHE D 186 5.14 21.95 10.92
N THR D 187 4.81 21.43 12.10
CA THR D 187 4.25 22.28 13.16
C THR D 187 5.10 22.07 14.40
N HIS D 188 5.73 23.13 14.87
CA HIS D 188 6.53 23.07 16.08
C HIS D 188 5.60 23.50 17.22
N ARG D 189 5.53 22.69 18.27
CA ARG D 189 4.67 23.01 19.40
C ARG D 189 5.46 22.89 20.69
N ARG D 190 5.17 23.77 21.65
CA ARG D 190 5.81 23.71 22.95
C ARG D 190 4.82 24.30 23.93
N VAL D 191 4.82 23.74 25.14
CA VAL D 191 3.91 24.18 26.18
C VAL D 191 4.64 24.57 27.46
N GLU D 192 3.94 25.33 28.30
CA GLU D 192 4.44 25.79 29.59
C GLU D 192 3.30 25.37 30.50
N GLU D 193 3.56 24.38 31.35
CA GLU D 193 2.55 23.83 32.22
C GLU D 193 2.73 24.14 33.69
N THR D 194 1.60 24.20 34.38
CA THR D 194 1.55 24.42 35.82
C THR D 194 0.31 23.63 36.20
N HIS D 195 0.50 22.38 36.59
CA HIS D 195 -0.60 21.49 36.93
C HIS D 195 -0.59 20.91 38.35
N THR D 196 -1.78 20.52 38.80
CA THR D 196 -1.99 19.84 40.07
C THR D 196 -2.99 18.78 39.63
N LYS D 197 -3.39 17.90 40.53
CA LYS D 197 -4.35 16.86 40.16
C LYS D 197 -5.78 17.39 40.09
N GLU D 198 -5.97 18.68 40.34
CA GLU D 198 -7.33 19.23 40.29
C GLU D 198 -7.45 20.46 39.38
N ASN D 199 -6.33 21.16 39.19
CA ASN D 199 -6.32 22.36 38.37
C ASN D 199 -5.15 22.35 37.39
N LEU D 200 -5.48 22.30 36.10
CA LEU D 200 -4.48 22.30 35.05
C LEU D 200 -4.45 23.67 34.37
N ALA D 201 -3.25 24.17 34.14
CA ALA D 201 -3.07 25.47 33.50
C ALA D 201 -1.93 25.34 32.48
N MET D 202 -2.13 25.93 31.32
CA MET D 202 -1.13 25.82 30.27
C MET D 202 -1.10 26.90 29.18
N VAL D 203 0.11 27.22 28.73
CA VAL D 203 0.31 28.14 27.65
C VAL D 203 0.97 27.33 26.53
N GLU D 204 0.46 27.44 25.31
CA GLU D 204 0.99 26.71 24.18
C GLU D 204 1.32 27.58 22.99
N TYR D 205 2.47 27.33 22.38
CA TYR D 205 2.90 28.07 21.21
C TYR D 205 2.99 27.09 20.03
N GLN D 206 2.37 27.45 18.91
CA GLN D 206 2.38 26.60 17.73
C GLN D 206 2.79 27.40 16.50
N GLN D 207 3.72 26.85 15.74
CA GLN D 207 4.21 27.48 14.52
C GLN D 207 4.32 26.47 13.38
N VAL D 208 3.60 26.75 12.29
CA VAL D 208 3.65 25.91 11.11
C VAL D 208 4.77 26.47 10.23
N PHE D 209 5.57 25.59 9.64
CA PHE D 209 6.65 26.05 8.78
C PHE D 209 6.94 25.01 7.69
N ASN D 210 7.66 25.43 6.65
CA ASN D 210 7.95 24.51 5.56
C ASN D 210 9.38 24.54 5.08
N SER D 211 10.26 25.19 5.84
CA SER D 211 11.67 25.29 5.45
C SER D 211 12.60 25.25 6.66
N ALA D 212 13.88 25.01 6.40
CA ALA D 212 14.87 24.97 7.46
C ALA D 212 14.87 26.30 8.21
N PRO D 213 15.07 26.26 9.53
CA PRO D 213 15.10 27.47 10.38
C PRO D 213 16.22 28.47 10.04
N ARG D 214 17.28 28.00 9.40
CA ARG D 214 18.40 28.86 9.03
C ARG D 214 18.70 28.71 7.54
N ASP D 215 19.56 29.58 7.04
CA ASP D 215 19.94 29.57 5.62
C ASP D 215 21.27 28.83 5.41
#